data_6TRU
#
_entry.id   6TRU
#
_cell.length_a   104.309
_cell.length_b   104.309
_cell.length_c   164.951
_cell.angle_alpha   90.000
_cell.angle_beta   90.000
_cell.angle_gamma   120.000
#
_symmetry.space_group_name_H-M   'P 31'
#
_entity_poly.entity_id   1
_entity_poly.type   'polypeptide(L)'
_entity_poly.pdbx_seq_one_letter_code
;MKHHHHHHPMSDYDIPTTENLYFQGAMSIPAVPQSYQLSDYLEKLPGTTFRKLYQQPSSAFAIFRRMLPPLAKVFVQALL
YMPQPMLLSDLDVWVRPEAKMHRDRALSILRSLHIVQITPPGKDRPQEVQLTTNFRNSLRLALEGGAAHNSFGVPSSLPV
DPRIDIAFLDNYARKKWEDILHYVVSSVPVHGDAGPGGMGGGGPKASVKDLLLAGRLVERRPDTKTGIGITQAGFTFLLQ
EANAQVWTLLLLWLEAADQAKAAAAAASGVDPKNAPPTKPDSIEMLSFLFMLASLELGRAYDTDALSETRRNMLPALVDF
GLIYIPREDTRQYFPTRLATTLTSSAS
;
_entity_poly.pdbx_strand_id   B,A,C,D
#
# COMPACT_ATOMS: atom_id res chain seq x y z
N TYR A 36 20.08 -20.84 -33.39
CA TYR A 36 20.85 -20.11 -34.45
C TYR A 36 21.41 -18.80 -33.89
N GLN A 37 20.57 -17.94 -33.31
CA GLN A 37 20.94 -16.54 -32.97
C GLN A 37 21.29 -16.43 -31.47
N LEU A 38 20.36 -16.81 -30.59
CA LEU A 38 20.55 -16.74 -29.11
C LEU A 38 21.83 -17.50 -28.75
N SER A 39 21.98 -18.73 -29.28
CA SER A 39 23.17 -19.60 -29.12
C SER A 39 24.44 -18.84 -29.49
N ASP A 40 24.48 -18.30 -30.72
CA ASP A 40 25.62 -17.51 -31.25
C ASP A 40 25.91 -16.37 -30.26
N TYR A 41 24.88 -15.62 -29.85
CA TYR A 41 24.99 -14.49 -28.88
C TYR A 41 25.66 -14.99 -27.60
N LEU A 42 25.14 -16.09 -27.04
CA LEU A 42 25.57 -16.69 -25.75
C LEU A 42 27.02 -17.16 -25.85
N GLU A 43 27.38 -17.85 -26.94
CA GLU A 43 28.75 -18.40 -27.18
C GLU A 43 29.80 -17.28 -27.09
N LYS A 44 29.39 -16.01 -27.17
CA LYS A 44 30.30 -14.82 -27.11
C LYS A 44 30.41 -14.27 -25.67
N LEU A 45 29.52 -14.65 -24.75
CA LEU A 45 29.43 -14.03 -23.40
C LEU A 45 30.58 -14.49 -22.52
N PRO A 46 31.22 -13.57 -21.74
CA PRO A 46 32.31 -13.94 -20.84
C PRO A 46 31.79 -14.55 -19.52
N GLY A 47 32.48 -15.58 -19.02
CA GLY A 47 32.13 -16.34 -17.80
C GLY A 47 31.41 -15.47 -16.78
N THR A 48 32.02 -14.34 -16.42
CA THR A 48 31.56 -13.40 -15.35
C THR A 48 30.07 -13.10 -15.51
N THR A 49 29.59 -12.93 -16.75
CA THR A 49 28.15 -12.65 -17.05
C THR A 49 27.33 -13.92 -16.76
N PHE A 50 27.76 -15.08 -17.30
CA PHE A 50 27.05 -16.36 -17.13
C PHE A 50 26.68 -16.57 -15.66
N ARG A 51 27.65 -16.39 -14.77
CA ARG A 51 27.48 -16.62 -13.31
C ARG A 51 26.50 -15.60 -12.71
N LYS A 52 26.45 -14.38 -13.27
CA LYS A 52 25.46 -13.35 -12.85
C LYS A 52 24.07 -13.77 -13.33
N LEU A 53 23.98 -14.24 -14.57
CA LEU A 53 22.74 -14.76 -15.21
C LEU A 53 22.22 -15.97 -14.41
N TYR A 54 23.13 -16.81 -13.89
CA TYR A 54 22.78 -18.05 -13.12
C TYR A 54 22.69 -17.75 -11.63
N GLN A 55 22.48 -16.49 -11.23
CA GLN A 55 21.95 -16.13 -9.89
C GLN A 55 20.43 -16.33 -9.90
N GLN A 56 19.88 -16.64 -11.09
CA GLN A 56 18.44 -16.55 -11.42
C GLN A 56 17.91 -17.91 -11.88
N PRO A 57 17.16 -18.65 -11.03
CA PRO A 57 16.57 -19.93 -11.42
C PRO A 57 15.93 -19.92 -12.83
N SER A 58 14.83 -19.19 -13.02
CA SER A 58 14.10 -19.06 -14.30
C SER A 58 15.09 -19.06 -15.47
N SER A 59 16.19 -18.28 -15.39
CA SER A 59 17.24 -18.19 -16.44
C SER A 59 17.87 -19.58 -16.65
N ALA A 60 18.53 -20.10 -15.62
CA ALA A 60 19.28 -21.37 -15.63
C ALA A 60 18.36 -22.48 -16.15
N PHE A 61 17.14 -22.49 -15.64
CA PHE A 61 16.10 -23.50 -15.92
C PHE A 61 15.62 -23.32 -17.35
N ALA A 62 15.56 -22.08 -17.85
CA ALA A 62 15.12 -21.72 -19.22
C ALA A 62 16.17 -22.18 -20.24
N ILE A 63 17.41 -21.74 -20.06
CA ILE A 63 18.59 -22.23 -20.84
C ILE A 63 18.55 -23.77 -20.81
N PHE A 64 18.75 -24.36 -19.62
CA PHE A 64 18.66 -25.83 -19.41
C PHE A 64 17.54 -26.40 -20.28
N ARG A 65 16.32 -25.91 -20.07
CA ARG A 65 15.12 -26.45 -20.74
C ARG A 65 15.32 -26.45 -22.25
N ARG A 66 15.79 -25.34 -22.83
CA ARG A 66 15.52 -25.04 -24.26
C ARG A 66 16.79 -24.51 -24.95
N MET A 67 17.95 -25.06 -24.57
CA MET A 67 19.25 -24.90 -25.29
C MET A 67 19.98 -26.25 -25.26
N LEU A 68 20.30 -26.77 -24.07
CA LEU A 68 20.92 -28.10 -23.84
C LEU A 68 20.13 -29.17 -24.58
N PRO A 69 20.78 -30.03 -25.41
CA PRO A 69 20.07 -31.09 -26.13
C PRO A 69 19.73 -32.29 -25.24
N PRO A 70 18.74 -33.12 -25.67
CA PRO A 70 18.20 -34.20 -24.85
C PRO A 70 19.22 -34.92 -23.95
N LEU A 71 20.42 -35.17 -24.47
CA LEU A 71 21.50 -35.92 -23.79
C LEU A 71 22.15 -35.03 -22.71
N ALA A 72 22.56 -33.81 -23.12
CA ALA A 72 23.22 -32.81 -22.23
C ALA A 72 22.41 -32.66 -20.95
N LYS A 73 21.08 -32.48 -21.07
CA LYS A 73 20.13 -32.50 -19.92
C LYS A 73 20.47 -33.70 -19.05
N VAL A 74 20.30 -34.91 -19.59
CA VAL A 74 20.51 -36.22 -18.88
C VAL A 74 21.84 -36.15 -18.13
N PHE A 75 22.91 -35.76 -18.82
CA PHE A 75 24.29 -35.69 -18.26
C PHE A 75 24.31 -34.71 -17.08
N VAL A 76 23.67 -33.55 -17.23
CA VAL A 76 23.68 -32.43 -16.24
C VAL A 76 22.83 -32.82 -15.01
N GLN A 77 21.72 -33.53 -15.21
CA GLN A 77 20.81 -33.95 -14.12
C GLN A 77 21.64 -34.73 -13.10
N ALA A 78 22.11 -35.93 -13.50
CA ALA A 78 23.04 -36.79 -12.73
C ALA A 78 24.12 -35.93 -12.08
N LEU A 79 24.83 -35.13 -12.88
CA LEU A 79 25.94 -34.25 -12.45
C LEU A 79 25.48 -33.40 -11.24
N LEU A 80 24.26 -32.85 -11.29
CA LEU A 80 23.74 -31.96 -10.22
C LEU A 80 23.43 -32.78 -8.97
N TYR A 81 23.12 -34.07 -9.16
CA TYR A 81 22.61 -35.01 -8.11
C TYR A 81 23.78 -35.68 -7.38
N MET A 82 24.84 -36.08 -8.11
CA MET A 82 25.96 -36.92 -7.60
C MET A 82 26.84 -36.12 -6.64
N PRO A 83 27.62 -36.80 -5.77
CA PRO A 83 28.27 -36.13 -4.63
C PRO A 83 29.42 -35.18 -5.01
N GLN A 84 30.49 -35.69 -5.62
CA GLN A 84 31.76 -34.95 -5.89
C GLN A 84 32.01 -34.91 -7.40
N PRO A 85 32.99 -34.11 -7.88
CA PRO A 85 33.34 -34.11 -9.29
C PRO A 85 33.76 -35.53 -9.70
N MET A 86 32.80 -36.29 -10.24
CA MET A 86 32.89 -37.77 -10.43
C MET A 86 33.77 -38.08 -11.64
N LEU A 87 33.76 -39.36 -12.06
CA LEU A 87 34.65 -39.93 -13.12
C LEU A 87 33.96 -39.81 -14.49
N LEU A 88 34.72 -39.36 -15.49
CA LEU A 88 34.29 -39.28 -16.92
C LEU A 88 33.70 -40.62 -17.35
N SER A 89 34.41 -41.71 -17.05
CA SER A 89 34.01 -43.11 -17.36
C SER A 89 32.61 -43.41 -16.83
N ASP A 90 32.27 -42.92 -15.63
CA ASP A 90 30.92 -43.09 -15.02
C ASP A 90 29.91 -42.34 -15.88
N LEU A 91 30.27 -41.16 -16.38
CA LEU A 91 29.44 -40.36 -17.32
C LEU A 91 29.27 -41.14 -18.64
N ASP A 92 30.33 -41.83 -19.10
CA ASP A 92 30.28 -42.74 -20.28
C ASP A 92 29.29 -43.87 -20.00
N VAL A 93 29.36 -44.47 -18.81
CA VAL A 93 28.40 -45.52 -18.33
C VAL A 93 26.98 -44.92 -18.31
N TRP A 94 26.85 -43.63 -17.96
CA TRP A 94 25.57 -42.87 -18.08
C TRP A 94 25.14 -42.78 -19.55
N VAL A 95 26.09 -42.49 -20.46
CA VAL A 95 25.85 -42.26 -21.91
C VAL A 95 25.03 -43.43 -22.48
N ARG A 96 25.66 -44.61 -22.64
CA ARG A 96 25.03 -45.82 -23.26
C ARG A 96 24.57 -45.43 -24.67
N PRO A 97 23.33 -45.73 -25.14
CA PRO A 97 22.92 -45.31 -26.49
C PRO A 97 22.54 -43.83 -26.53
N ARG A 105 22.67 -42.46 -32.20
CA ARG A 105 22.50 -42.66 -30.73
C ARG A 105 23.78 -42.23 -30.01
N ALA A 106 24.89 -42.94 -30.25
CA ALA A 106 26.23 -42.66 -29.66
C ALA A 106 26.94 -41.62 -30.54
N LEU A 107 26.19 -40.84 -31.31
CA LEU A 107 26.68 -39.81 -32.27
C LEU A 107 27.03 -38.53 -31.51
N SER A 108 26.08 -38.03 -30.70
CA SER A 108 26.09 -36.68 -30.08
C SER A 108 26.96 -36.67 -28.81
N ILE A 109 27.52 -37.82 -28.42
CA ILE A 109 28.38 -38.01 -27.21
C ILE A 109 29.44 -36.90 -27.17
N LEU A 110 30.02 -36.55 -28.32
CA LEU A 110 31.03 -35.46 -28.48
C LEU A 110 30.35 -34.09 -28.42
N ARG A 111 29.44 -33.80 -29.36
CA ARG A 111 28.75 -32.49 -29.51
C ARG A 111 28.23 -32.03 -28.14
N SER A 112 27.56 -32.91 -27.40
CA SER A 112 26.98 -32.64 -26.05
C SER A 112 28.06 -32.07 -25.12
N LEU A 113 29.28 -32.59 -25.18
CA LEU A 113 30.42 -32.13 -24.34
C LEU A 113 30.71 -30.65 -24.63
N HIS A 114 30.76 -30.27 -25.92
CA HIS A 114 31.03 -28.88 -26.39
C HIS A 114 29.99 -27.92 -25.81
N ILE A 115 28.72 -28.16 -26.15
CA ILE A 115 27.56 -27.28 -25.77
C ILE A 115 27.66 -27.01 -24.27
N VAL A 116 27.82 -28.07 -23.46
CA VAL A 116 28.05 -27.98 -21.99
C VAL A 116 29.31 -27.14 -21.75
N GLN A 117 30.41 -27.42 -22.46
CA GLN A 117 31.74 -26.77 -22.24
C GLN A 117 31.61 -25.25 -22.39
N ILE A 118 30.91 -24.77 -23.42
CA ILE A 118 30.92 -23.32 -23.80
C ILE A 118 30.06 -22.47 -22.84
N THR A 119 28.81 -22.89 -22.57
CA THR A 119 27.75 -22.03 -21.97
C THR A 119 27.89 -21.93 -20.44
N PRO A 120 27.70 -23.03 -19.67
CA PRO A 120 27.52 -22.93 -18.22
C PRO A 120 28.83 -22.53 -17.55
N PRO A 121 28.88 -22.52 -16.20
CA PRO A 121 30.15 -22.55 -15.48
C PRO A 121 30.33 -23.96 -14.88
N GLY A 122 30.07 -24.99 -15.69
CA GLY A 122 30.28 -26.41 -15.35
C GLY A 122 31.65 -26.90 -15.79
N LYS A 123 32.71 -26.34 -15.20
CA LYS A 123 34.12 -26.55 -15.60
C LYS A 123 34.65 -27.87 -15.02
N ASP A 124 35.68 -28.43 -15.67
CA ASP A 124 36.24 -29.78 -15.40
C ASP A 124 37.77 -29.75 -15.58
N ARG A 125 38.46 -30.74 -15.02
CA ARG A 125 39.88 -31.07 -15.31
C ARG A 125 40.03 -32.59 -15.28
N PRO A 126 40.61 -33.22 -16.34
CA PRO A 126 40.48 -34.66 -16.57
C PRO A 126 40.46 -35.55 -15.31
N GLN A 127 39.43 -36.39 -15.20
CA GLN A 127 39.08 -37.25 -14.03
C GLN A 127 38.06 -36.53 -13.14
N GLU A 128 37.95 -35.19 -13.25
CA GLU A 128 37.04 -34.34 -12.44
C GLU A 128 36.20 -33.47 -13.38
N VAL A 129 34.88 -33.38 -13.15
CA VAL A 129 33.93 -32.53 -13.92
C VAL A 129 32.93 -31.87 -12.95
N GLN A 130 33.19 -30.60 -12.60
CA GLN A 130 32.43 -29.83 -11.58
C GLN A 130 31.28 -29.08 -12.28
N LEU A 131 30.26 -28.67 -11.51
CA LEU A 131 29.24 -27.66 -11.89
C LEU A 131 29.44 -26.41 -11.04
N THR A 132 29.24 -25.21 -11.62
CA THR A 132 29.39 -23.92 -10.88
C THR A 132 28.28 -23.78 -9.85
N THR A 133 28.69 -23.53 -8.61
CA THR A 133 27.79 -23.28 -7.46
C THR A 133 26.56 -22.55 -8.01
N ASN A 134 26.72 -21.32 -8.51
CA ASN A 134 25.61 -20.45 -8.98
C ASN A 134 24.61 -21.29 -9.82
N PHE A 135 25.11 -21.98 -10.85
CA PHE A 135 24.27 -22.80 -11.77
C PHE A 135 23.59 -23.91 -10.98
N ARG A 136 24.37 -24.66 -10.20
CA ARG A 136 23.82 -25.75 -9.34
C ARG A 136 22.65 -25.17 -8.52
N ASN A 137 22.97 -24.24 -7.61
CA ASN A 137 22.04 -23.59 -6.65
C ASN A 137 20.80 -23.10 -7.39
N SER A 138 21.00 -22.30 -8.45
CA SER A 138 19.91 -21.75 -9.29
C SER A 138 19.01 -22.87 -9.85
N LEU A 139 19.60 -23.87 -10.53
CA LEU A 139 18.85 -24.96 -11.22
C LEU A 139 18.10 -25.82 -10.18
N ARG A 140 18.75 -26.13 -9.06
CA ARG A 140 18.16 -26.93 -7.95
C ARG A 140 16.82 -26.29 -7.55
N LEU A 141 16.87 -25.08 -6.98
CA LEU A 141 15.68 -24.29 -6.54
C LEU A 141 14.59 -24.45 -7.60
N ALA A 142 14.95 -24.23 -8.87
CA ALA A 142 14.03 -24.30 -10.03
C ALA A 142 13.37 -25.68 -10.07
N LEU A 143 14.17 -26.75 -10.14
CA LEU A 143 13.69 -28.15 -10.25
C LEU A 143 12.90 -28.56 -8.99
N GLU A 144 13.14 -27.88 -7.86
CA GLU A 144 12.40 -28.11 -6.59
C GLU A 144 11.25 -27.10 -6.46
N GLY A 145 10.95 -26.32 -7.50
CA GLY A 145 9.87 -25.31 -7.46
C GLY A 145 9.95 -24.44 -6.20
N GLY A 146 11.17 -24.12 -5.76
CA GLY A 146 11.42 -23.24 -4.60
C GLY A 146 12.06 -21.93 -4.99
N ALA A 147 11.64 -21.32 -6.09
CA ALA A 147 12.06 -19.97 -6.53
C ALA A 147 11.13 -18.90 -5.92
N ALA A 148 11.62 -17.67 -5.75
CA ALA A 148 10.85 -16.54 -5.22
C ALA A 148 9.46 -16.56 -5.86
N HIS A 149 8.41 -16.45 -5.03
CA HIS A 149 6.99 -16.47 -5.46
C HIS A 149 6.74 -15.32 -6.44
N ASN A 150 7.36 -14.17 -6.17
CA ASN A 150 7.10 -12.87 -6.84
C ASN A 150 8.09 -12.63 -7.98
N SER A 151 8.71 -13.70 -8.50
CA SER A 151 9.70 -13.68 -9.61
C SER A 151 9.08 -14.21 -10.91
N PHE A 152 7.82 -14.65 -10.85
CA PHE A 152 7.02 -15.19 -11.99
C PHE A 152 5.95 -14.17 -12.41
N GLY A 153 5.34 -14.37 -13.58
CA GLY A 153 4.15 -13.60 -13.99
C GLY A 153 3.03 -13.79 -12.99
N VAL A 154 2.86 -12.84 -12.06
CA VAL A 154 1.72 -12.81 -11.10
C VAL A 154 0.48 -12.40 -11.87
N PRO A 155 -0.51 -13.31 -12.05
CA PRO A 155 -1.75 -12.95 -12.74
C PRO A 155 -2.48 -11.89 -11.91
N SER A 156 -3.40 -11.13 -12.52
CA SER A 156 -4.06 -9.95 -11.88
C SER A 156 -5.51 -10.28 -11.57
N SER A 157 -5.99 -9.90 -10.38
CA SER A 157 -7.39 -10.14 -9.94
C SER A 157 -8.37 -9.23 -10.68
N LEU A 158 -7.91 -8.11 -11.26
CA LEU A 158 -8.76 -7.07 -11.90
C LEU A 158 -9.57 -7.74 -13.02
N PRO A 159 -10.80 -7.28 -13.33
CA PRO A 159 -11.55 -7.84 -14.45
C PRO A 159 -10.78 -7.55 -15.75
N VAL A 160 -10.97 -8.42 -16.74
CA VAL A 160 -10.29 -8.33 -18.07
C VAL A 160 -11.30 -7.82 -19.09
N ASP A 161 -11.02 -6.64 -19.66
CA ASP A 161 -11.88 -5.99 -20.69
C ASP A 161 -12.30 -7.06 -21.68
N PRO A 162 -13.60 -7.38 -21.80
CA PRO A 162 -14.09 -8.36 -22.76
C PRO A 162 -13.47 -8.20 -24.16
N ARG A 163 -13.10 -6.97 -24.53
CA ARG A 163 -12.60 -6.61 -25.88
C ARG A 163 -11.13 -7.03 -26.04
N ILE A 164 -10.46 -7.45 -24.96
CA ILE A 164 -9.05 -7.91 -25.04
C ILE A 164 -9.01 -9.43 -25.16
N ASP A 165 -9.18 -9.95 -26.37
CA ASP A 165 -9.04 -11.40 -26.67
C ASP A 165 -7.76 -11.64 -27.47
N ILE A 166 -7.41 -12.93 -27.60
CA ILE A 166 -6.27 -13.43 -28.41
C ILE A 166 -6.31 -12.76 -29.79
N ALA A 167 -7.50 -12.55 -30.35
CA ALA A 167 -7.68 -11.87 -31.66
C ALA A 167 -7.13 -10.45 -31.59
N PHE A 168 -7.55 -9.71 -30.56
CA PHE A 168 -7.10 -8.31 -30.32
C PHE A 168 -5.58 -8.34 -30.16
N LEU A 169 -5.12 -9.15 -29.21
CA LEU A 169 -3.68 -9.27 -28.85
C LEU A 169 -2.86 -9.74 -30.06
N ASP A 170 -3.51 -10.33 -31.08
CA ASP A 170 -2.82 -10.78 -32.32
C ASP A 170 -2.82 -9.63 -33.33
N ASN A 171 -3.98 -9.03 -33.62
CA ASN A 171 -4.06 -7.79 -34.45
C ASN A 171 -2.98 -6.81 -33.97
N TYR A 172 -3.09 -6.36 -32.71
CA TYR A 172 -2.15 -5.39 -32.07
C TYR A 172 -0.71 -5.71 -32.49
N ALA A 173 -0.24 -6.88 -32.04
CA ALA A 173 1.15 -7.37 -32.21
C ALA A 173 1.52 -7.37 -33.70
N ARG A 174 0.70 -8.07 -34.50
CA ARG A 174 0.79 -8.15 -35.98
C ARG A 174 1.08 -6.74 -36.50
N LYS A 175 0.13 -5.79 -36.38
CA LYS A 175 0.26 -4.40 -36.89
C LYS A 175 1.59 -3.80 -36.38
N LYS A 176 1.78 -3.86 -35.07
CA LYS A 176 3.09 -3.39 -34.52
C LYS A 176 4.22 -3.95 -35.40
N TRP A 177 4.29 -5.25 -35.68
CA TRP A 177 5.44 -5.81 -36.45
C TRP A 177 5.37 -5.37 -37.91
N GLU A 178 4.19 -5.42 -38.54
CA GLU A 178 3.95 -4.84 -39.87
C GLU A 178 4.76 -3.54 -39.92
N ASP A 179 4.44 -2.57 -39.05
CA ASP A 179 5.10 -1.24 -39.12
C ASP A 179 6.64 -1.39 -39.21
N ILE A 180 7.29 -1.94 -38.18
CA ILE A 180 8.76 -2.22 -38.18
C ILE A 180 9.20 -2.79 -39.54
N LEU A 181 8.47 -3.78 -40.09
CA LEU A 181 8.90 -4.49 -41.33
C LEU A 181 8.79 -3.54 -42.51
N HIS A 182 7.66 -2.84 -42.61
CA HIS A 182 7.42 -1.70 -43.56
C HIS A 182 8.58 -0.71 -43.48
N TYR A 183 9.05 -0.35 -42.29
CA TYR A 183 10.11 0.68 -42.18
C TYR A 183 11.33 0.12 -42.93
N VAL A 184 11.96 -0.94 -42.41
CA VAL A 184 13.16 -1.61 -43.02
C VAL A 184 12.89 -1.87 -44.52
N VAL A 185 11.65 -2.16 -44.92
CA VAL A 185 11.29 -2.34 -46.36
C VAL A 185 11.48 -1.00 -47.10
N SER A 186 10.94 0.09 -46.56
CA SER A 186 10.92 1.43 -47.20
C SER A 186 12.35 1.99 -47.32
N SER A 187 13.36 1.23 -46.88
CA SER A 187 14.79 1.55 -47.11
C SER A 187 15.35 0.74 -48.29
N VAL A 188 14.52 0.13 -49.13
CA VAL A 188 15.03 -0.72 -50.26
C VAL A 188 15.01 0.14 -51.51
N PRO A 189 16.17 0.46 -52.12
CA PRO A 189 16.19 1.29 -53.33
C PRO A 189 15.01 0.98 -54.27
N VAL A 190 14.52 1.98 -55.03
CA VAL A 190 13.30 1.90 -55.90
C VAL A 190 13.70 2.03 -57.39
N HIS A 191 14.94 1.80 -57.80
CA HIS A 191 15.30 1.93 -59.24
C HIS A 191 14.10 1.68 -60.09
N GLY A 202 5.18 8.09 -40.84
CA GLY A 202 4.78 7.51 -39.54
C GLY A 202 5.62 6.31 -39.14
N GLY A 203 5.19 5.10 -39.51
CA GLY A 203 5.89 3.84 -39.19
C GLY A 203 6.05 3.65 -37.68
N PRO A 204 7.10 2.94 -37.20
CA PRO A 204 7.23 2.60 -35.78
C PRO A 204 7.68 3.78 -34.90
N LYS A 205 7.97 3.52 -33.63
CA LYS A 205 8.47 4.53 -32.65
C LYS A 205 9.95 4.85 -32.93
N ALA A 206 10.32 6.11 -32.69
CA ALA A 206 11.68 6.65 -32.87
C ALA A 206 12.72 5.74 -32.20
N SER A 207 12.38 5.15 -31.05
CA SER A 207 13.29 4.28 -30.27
C SER A 207 13.67 3.03 -31.08
N VAL A 208 12.82 2.62 -32.02
CA VAL A 208 13.04 1.40 -32.84
C VAL A 208 13.93 1.75 -34.05
N LYS A 209 13.54 2.77 -34.81
CA LYS A 209 14.39 3.38 -35.87
C LYS A 209 15.86 3.40 -35.42
N ASP A 210 16.14 4.10 -34.31
CA ASP A 210 17.51 4.32 -33.78
C ASP A 210 18.15 2.96 -33.46
N LEU A 211 17.35 1.98 -33.06
CA LEU A 211 17.85 0.63 -32.68
C LEU A 211 18.27 -0.13 -33.95
N LEU A 212 17.39 -0.15 -34.96
CA LEU A 212 17.68 -0.68 -36.32
C LEU A 212 18.95 -0.01 -36.87
N LEU A 213 19.05 1.32 -36.75
CA LEU A 213 20.23 2.07 -37.23
C LEU A 213 21.48 1.51 -36.53
N ALA A 214 21.49 1.54 -35.19
CA ALA A 214 22.59 1.03 -34.34
C ALA A 214 22.92 -0.41 -34.75
N GLY A 215 21.90 -1.22 -35.06
CA GLY A 215 22.02 -2.66 -35.39
C GLY A 215 22.64 -2.91 -36.75
N ARG A 216 22.58 -1.91 -37.64
CA ARG A 216 23.18 -1.92 -39.00
C ARG A 216 22.33 -2.78 -39.95
N LEU A 217 21.03 -2.92 -39.65
CA LEU A 217 19.99 -3.43 -40.58
C LEU A 217 19.65 -2.31 -41.55
N VAL A 218 20.04 -1.11 -41.14
CA VAL A 218 19.80 0.16 -41.86
C VAL A 218 21.09 0.96 -41.71
N GLU A 219 21.44 1.78 -42.70
CA GLU A 219 22.61 2.69 -42.63
C GLU A 219 22.17 4.08 -43.08
N ARG A 220 22.73 5.13 -42.44
CA ARG A 220 22.57 6.56 -42.82
C ARG A 220 23.04 6.73 -44.28
N ARG A 221 22.39 7.59 -45.05
CA ARG A 221 22.74 7.79 -46.48
C ARG A 221 22.45 9.22 -46.95
N PRO A 222 23.37 9.83 -47.74
CA PRO A 222 23.23 11.22 -48.19
C PRO A 222 22.17 11.47 -49.28
N ASP A 223 22.06 10.53 -50.20
CA ASP A 223 21.15 10.57 -51.37
C ASP A 223 19.68 10.65 -50.96
N THR A 224 19.25 9.84 -49.96
CA THR A 224 17.84 9.40 -49.81
C THR A 224 17.04 10.39 -48.96
N LYS A 225 15.78 10.64 -49.36
CA LYS A 225 14.81 11.46 -48.58
C LYS A 225 14.82 10.95 -47.12
N THR A 226 14.45 9.68 -46.91
CA THR A 226 14.53 8.94 -45.62
C THR A 226 15.78 9.34 -44.83
N GLY A 227 16.90 9.61 -45.52
CA GLY A 227 18.24 9.74 -44.89
C GLY A 227 18.83 8.37 -44.55
N ILE A 228 18.18 7.29 -45.02
CA ILE A 228 18.44 5.90 -44.54
C ILE A 228 18.29 4.92 -45.71
N GLY A 229 19.17 3.91 -45.78
CA GLY A 229 19.14 2.81 -46.77
C GLY A 229 19.34 1.43 -46.14
N ILE A 230 18.87 0.36 -46.80
CA ILE A 230 18.92 -1.00 -46.22
C ILE A 230 20.35 -1.54 -46.31
N THR A 231 20.78 -2.29 -45.29
CA THR A 231 22.02 -3.11 -45.30
C THR A 231 21.71 -4.56 -45.66
N GLN A 232 22.76 -5.32 -46.01
CA GLN A 232 22.68 -6.79 -46.26
C GLN A 232 22.06 -7.45 -45.02
N ALA A 233 22.55 -7.12 -43.82
CA ALA A 233 21.88 -7.52 -42.56
C ALA A 233 20.38 -7.28 -42.75
N GLY A 234 19.93 -6.02 -42.84
CA GLY A 234 18.50 -5.70 -43.06
C GLY A 234 17.84 -6.66 -44.05
N PHE A 235 18.41 -6.84 -45.24
CA PHE A 235 17.88 -7.83 -46.21
C PHE A 235 17.70 -9.19 -45.50
N THR A 236 18.74 -9.70 -44.85
CA THR A 236 18.75 -11.02 -44.19
C THR A 236 17.60 -11.02 -43.16
N PHE A 237 17.57 -10.00 -42.30
CA PHE A 237 16.52 -9.72 -41.29
C PHE A 237 15.13 -9.82 -41.90
N LEU A 238 14.95 -9.29 -43.12
CA LEU A 238 13.61 -9.29 -43.76
C LEU A 238 13.21 -10.69 -44.22
N LEU A 239 14.16 -11.62 -44.36
CA LEU A 239 13.86 -12.97 -44.90
C LEU A 239 13.59 -13.94 -43.74
N GLN A 240 14.02 -13.60 -42.53
CA GLN A 240 13.93 -14.47 -41.33
C GLN A 240 12.46 -14.70 -40.93
N GLU A 241 12.18 -15.86 -40.32
CA GLU A 241 10.83 -16.19 -39.77
C GLU A 241 10.56 -15.30 -38.53
N ALA A 242 9.28 -14.96 -38.34
CA ALA A 242 8.77 -14.01 -37.32
C ALA A 242 9.44 -14.22 -35.96
N ASN A 243 9.78 -15.46 -35.60
CA ASN A 243 10.49 -15.75 -34.32
C ASN A 243 11.90 -15.16 -34.42
N ALA A 244 12.70 -15.67 -35.35
CA ALA A 244 14.09 -15.22 -35.66
C ALA A 244 14.12 -13.70 -35.78
N GLN A 245 13.09 -13.11 -36.40
CA GLN A 245 12.99 -11.64 -36.56
C GLN A 245 12.94 -10.95 -35.18
N VAL A 246 12.12 -11.46 -34.27
CA VAL A 246 11.94 -10.86 -32.92
C VAL A 246 13.24 -10.98 -32.12
N TRP A 247 13.89 -12.15 -32.17
CA TRP A 247 15.19 -12.42 -31.50
C TRP A 247 16.25 -11.50 -32.10
N THR A 248 16.26 -11.37 -33.42
CA THR A 248 17.24 -10.48 -34.11
C THR A 248 17.16 -9.11 -33.45
N LEU A 249 15.96 -8.56 -33.34
CA LEU A 249 15.74 -7.19 -32.77
C LEU A 249 16.08 -7.21 -31.29
N LEU A 250 15.50 -8.13 -30.50
CA LEU A 250 15.73 -8.21 -29.02
C LEU A 250 17.24 -8.25 -28.73
N LEU A 251 17.99 -9.14 -29.38
CA LEU A 251 19.47 -9.25 -29.24
C LEU A 251 20.13 -7.89 -29.52
N LEU A 252 19.65 -7.15 -30.52
CA LEU A 252 20.15 -5.78 -30.79
C LEU A 252 19.81 -4.91 -29.58
N TRP A 253 18.54 -4.87 -29.18
CA TRP A 253 18.07 -4.15 -27.96
C TRP A 253 18.99 -4.43 -26.77
N LEU A 254 19.48 -5.68 -26.64
CA LEU A 254 20.47 -6.07 -25.61
C LEU A 254 21.81 -5.40 -25.93
N GLU A 255 22.42 -5.76 -27.07
CA GLU A 255 23.80 -5.30 -27.43
C GLU A 255 23.89 -3.78 -27.23
N ALA A 256 22.88 -3.05 -27.72
CA ALA A 256 22.71 -1.58 -27.56
C ALA A 256 23.08 -1.13 -26.14
N ALA A 257 22.52 -1.77 -25.11
CA ALA A 257 22.69 -1.41 -23.69
C ALA A 257 24.12 -1.72 -23.21
N ASP A 258 24.78 -2.71 -23.82
CA ASP A 258 26.23 -2.96 -23.59
C ASP A 258 27.00 -1.80 -24.24
N GLN A 259 26.89 -1.67 -25.57
CA GLN A 259 27.48 -0.55 -26.37
C GLN A 259 27.30 0.79 -25.65
N ALA A 260 26.17 0.98 -24.94
CA ALA A 260 25.89 2.15 -24.08
C ALA A 260 26.74 2.05 -22.81
N LYS A 261 26.50 1.04 -21.96
CA LYS A 261 27.24 0.84 -20.68
C LYS A 261 28.73 1.15 -20.91
N ALA A 262 29.37 0.37 -21.78
CA ALA A 262 30.80 0.52 -22.18
C ALA A 262 31.18 2.01 -22.19
N ALA A 263 30.42 2.83 -22.93
CA ALA A 263 30.67 4.28 -23.12
C ALA A 263 30.38 5.02 -21.81
N ALA A 264 29.15 4.88 -21.31
CA ALA A 264 28.68 5.44 -20.01
C ALA A 264 29.66 5.11 -18.87
N ALA A 265 30.64 4.23 -19.12
CA ALA A 265 31.76 3.90 -18.19
C ALA A 265 33.09 4.49 -18.69
N ALA A 266 33.07 5.77 -19.09
CA ALA A 266 34.26 6.53 -19.56
C ALA A 266 34.85 7.33 -18.38
N PRO A 280 18.94 -0.90 -17.24
CA PRO A 280 19.30 -2.26 -16.76
C PRO A 280 20.38 -2.88 -17.67
N ASP A 281 21.09 -3.90 -17.16
CA ASP A 281 22.13 -4.65 -17.93
C ASP A 281 21.43 -5.67 -18.82
N SER A 282 22.14 -6.22 -19.81
CA SER A 282 21.64 -7.20 -20.80
C SER A 282 21.06 -8.42 -20.08
N ILE A 283 21.70 -8.84 -18.99
CA ILE A 283 21.35 -10.09 -18.24
C ILE A 283 19.94 -9.93 -17.68
N GLU A 284 19.64 -8.78 -17.07
CA GLU A 284 18.32 -8.45 -16.47
C GLU A 284 17.26 -8.48 -17.59
N MET A 285 17.54 -7.81 -18.70
CA MET A 285 16.67 -7.76 -19.90
C MET A 285 16.40 -9.19 -20.40
N LEU A 286 17.44 -10.02 -20.50
CA LEU A 286 17.32 -11.41 -21.00
C LEU A 286 16.50 -12.25 -20.02
N SER A 287 16.90 -12.35 -18.74
CA SER A 287 16.11 -13.03 -17.67
C SER A 287 14.62 -12.77 -17.93
N PHE A 288 14.21 -11.50 -17.78
CA PHE A 288 12.79 -11.07 -17.94
C PHE A 288 12.23 -11.68 -19.22
N LEU A 289 12.95 -11.64 -20.34
CA LEU A 289 12.45 -12.20 -21.62
C LEU A 289 12.01 -13.65 -21.37
N PHE A 290 12.90 -14.49 -20.83
CA PHE A 290 12.59 -15.90 -20.48
C PHE A 290 11.27 -15.94 -19.69
N MET A 291 11.18 -15.18 -18.59
CA MET A 291 9.93 -15.06 -17.79
C MET A 291 8.74 -14.94 -18.75
N LEU A 292 8.80 -13.98 -19.69
CA LEU A 292 7.58 -13.62 -20.48
C LEU A 292 7.19 -14.82 -21.34
N ALA A 293 8.13 -15.72 -21.61
CA ALA A 293 7.95 -16.90 -22.48
C ALA A 293 7.23 -18.00 -21.70
N SER A 294 7.18 -17.86 -20.36
CA SER A 294 6.50 -18.82 -19.46
C SER A 294 5.07 -18.37 -19.15
N LEU A 295 4.66 -17.16 -19.57
CA LEU A 295 3.33 -16.58 -19.27
C LEU A 295 2.31 -17.12 -20.27
N GLU A 296 1.02 -16.85 -20.05
CA GLU A 296 -0.12 -17.49 -20.76
C GLU A 296 -0.87 -16.41 -21.55
N LEU A 297 -1.28 -16.73 -22.78
CA LEU A 297 -1.72 -15.75 -23.82
C LEU A 297 -3.20 -15.43 -23.66
N GLY A 298 -3.54 -14.15 -23.49
CA GLY A 298 -4.92 -13.68 -23.25
C GLY A 298 -5.16 -13.45 -21.76
N ARG A 299 -4.17 -13.78 -20.92
CA ARG A 299 -4.24 -13.55 -19.45
C ARG A 299 -3.52 -12.25 -19.08
N ALA A 300 -4.13 -11.48 -18.18
CA ALA A 300 -3.66 -10.18 -17.66
C ALA A 300 -2.74 -10.46 -16.48
N TYR A 301 -1.60 -9.76 -16.41
CA TYR A 301 -0.59 -9.94 -15.32
C TYR A 301 -0.44 -8.61 -14.56
N ASP A 302 -0.02 -8.66 -13.29
CA ASP A 302 -0.02 -7.49 -12.38
C ASP A 302 1.33 -6.77 -12.48
N THR A 303 1.30 -5.51 -12.94
CA THR A 303 2.47 -4.61 -13.11
C THR A 303 3.25 -4.53 -11.79
N ASP A 304 2.56 -4.14 -10.70
CA ASP A 304 3.18 -3.87 -9.37
C ASP A 304 4.04 -5.04 -8.90
N ALA A 305 3.64 -6.27 -9.20
CA ALA A 305 4.37 -7.50 -8.78
C ALA A 305 5.76 -7.57 -9.42
N LEU A 306 6.02 -6.86 -10.53
CA LEU A 306 7.35 -6.82 -11.21
C LEU A 306 8.35 -6.07 -10.33
N SER A 307 9.63 -6.19 -10.62
CA SER A 307 10.71 -5.37 -10.01
C SER A 307 10.83 -4.06 -10.79
N GLU A 308 11.31 -3.01 -10.14
CA GLU A 308 11.44 -1.65 -10.72
C GLU A 308 12.12 -1.78 -12.09
N THR A 309 13.19 -2.59 -12.17
CA THR A 309 14.03 -2.78 -13.38
C THR A 309 13.18 -3.33 -14.53
N ARG A 310 12.16 -4.16 -14.22
CA ARG A 310 11.27 -4.81 -15.20
C ARG A 310 10.10 -3.88 -15.53
N ARG A 311 9.51 -3.25 -14.51
CA ARG A 311 8.53 -2.14 -14.71
C ARG A 311 9.15 -1.11 -15.66
N ASN A 312 10.48 -0.92 -15.60
CA ASN A 312 11.27 0.03 -16.42
C ASN A 312 11.64 -0.53 -17.79
N MET A 313 11.17 -1.75 -18.15
CA MET A 313 11.40 -2.36 -19.49
C MET A 313 10.10 -2.45 -20.30
N LEU A 314 8.94 -2.30 -19.67
CA LEU A 314 7.61 -2.46 -20.32
C LEU A 314 7.48 -1.55 -21.55
N PRO A 315 7.88 -0.26 -21.50
CA PRO A 315 7.90 0.58 -22.70
C PRO A 315 8.59 -0.03 -23.94
N ALA A 316 9.82 -0.53 -23.80
CA ALA A 316 10.61 -1.09 -24.92
C ALA A 316 9.85 -2.27 -25.55
N LEU A 317 9.44 -3.21 -24.70
CA LEU A 317 8.67 -4.42 -25.09
C LEU A 317 7.32 -4.02 -25.70
N VAL A 318 6.69 -2.96 -25.20
CA VAL A 318 5.45 -2.40 -25.82
C VAL A 318 5.81 -1.91 -27.22
N ASP A 319 6.84 -1.06 -27.35
CA ASP A 319 7.32 -0.58 -28.67
C ASP A 319 7.48 -1.80 -29.59
N PHE A 320 8.11 -2.87 -29.10
CA PHE A 320 8.38 -4.11 -29.91
C PHE A 320 7.11 -4.93 -30.14
N GLY A 321 6.05 -4.73 -29.37
CA GLY A 321 4.78 -5.46 -29.51
C GLY A 321 4.80 -6.81 -28.80
N LEU A 322 5.69 -6.98 -27.80
CA LEU A 322 5.71 -8.17 -26.92
C LEU A 322 4.71 -8.00 -25.77
N ILE A 323 4.13 -6.80 -25.60
CA ILE A 323 3.25 -6.46 -24.43
C ILE A 323 2.20 -5.45 -24.86
N TYR A 324 0.94 -5.69 -24.49
CA TYR A 324 -0.15 -4.69 -24.50
C TYR A 324 -0.36 -4.23 -23.07
N ILE A 325 -0.43 -2.92 -22.91
CA ILE A 325 -1.07 -2.23 -21.75
C ILE A 325 -2.35 -1.57 -22.26
N PRO A 326 -3.43 -1.50 -21.45
CA PRO A 326 -4.50 -0.53 -21.70
C PRO A 326 -4.13 0.81 -21.06
N ARG A 327 -4.64 1.91 -21.62
CA ARG A 327 -4.51 3.26 -21.00
C ARG A 327 -5.41 3.29 -19.75
N GLU A 328 -6.60 2.70 -19.84
CA GLU A 328 -7.63 2.58 -18.76
C GLU A 328 -6.99 2.11 -17.43
N ASP A 329 -6.23 1.01 -17.47
CA ASP A 329 -5.65 0.33 -16.28
C ASP A 329 -4.20 -0.10 -16.59
N THR A 330 -3.21 0.68 -16.18
CA THR A 330 -1.77 0.30 -16.27
C THR A 330 -1.38 -0.44 -14.98
N ARG A 331 -2.30 -1.28 -14.47
CA ARG A 331 -2.03 -2.25 -13.37
C ARG A 331 -1.88 -3.65 -13.97
N GLN A 332 -2.36 -3.87 -15.20
CA GLN A 332 -2.34 -5.20 -15.87
C GLN A 332 -1.60 -5.10 -17.21
N TYR A 333 -0.51 -5.87 -17.37
CA TYR A 333 0.23 -6.08 -18.63
C TYR A 333 -0.20 -7.41 -19.27
N PHE A 334 -0.46 -7.41 -20.58
CA PHE A 334 -0.79 -8.61 -21.40
C PHE A 334 0.37 -8.97 -22.33
N PRO A 335 1.05 -10.13 -22.17
CA PRO A 335 2.01 -10.59 -23.17
C PRO A 335 1.29 -10.99 -24.46
N THR A 336 1.84 -10.61 -25.62
CA THR A 336 1.34 -11.07 -26.94
C THR A 336 2.04 -12.37 -27.31
N ARG A 337 1.56 -12.99 -28.39
CA ARG A 337 2.00 -14.30 -28.91
C ARG A 337 3.52 -14.28 -29.15
N LEU A 338 4.08 -13.08 -29.41
CA LEU A 338 5.54 -12.89 -29.67
C LEU A 338 6.34 -13.20 -28.41
N ALA A 339 5.74 -12.95 -27.24
CA ALA A 339 6.39 -12.98 -25.92
C ALA A 339 6.44 -14.41 -25.41
N THR A 340 5.37 -15.18 -25.65
CA THR A 340 5.16 -16.53 -25.10
C THR A 340 5.85 -17.58 -25.99
N THR A 341 5.84 -17.35 -27.30
CA THR A 341 6.56 -18.16 -28.32
C THR A 341 8.07 -18.17 -28.06
N LEU A 342 8.65 -17.10 -27.51
CA LEU A 342 10.11 -16.84 -27.61
C LEU A 342 10.89 -18.16 -27.55
N THR A 343 10.92 -18.80 -26.38
CA THR A 343 11.81 -19.96 -26.08
C THR A 343 11.36 -21.21 -26.82
N SER A 344 10.09 -21.31 -27.20
CA SER A 344 9.54 -22.49 -27.93
C SER A 344 9.90 -22.38 -29.42
N SER A 345 10.95 -21.62 -29.75
CA SER A 345 11.33 -21.25 -31.14
C SER A 345 12.57 -20.34 -31.12
N GLN B 37 -4.08 -40.84 8.03
CA GLN B 37 -3.02 -40.00 7.38
C GLN B 37 -3.17 -40.01 5.85
N LEU B 38 -2.30 -39.27 5.15
CA LEU B 38 -2.50 -38.84 3.73
C LEU B 38 -2.32 -40.02 2.75
N SER B 39 -1.17 -40.69 2.82
CA SER B 39 -0.91 -41.96 2.09
C SER B 39 -2.18 -42.81 2.09
N ASP B 40 -2.70 -43.09 3.29
CA ASP B 40 -3.92 -43.90 3.49
C ASP B 40 -5.02 -43.39 2.57
N TYR B 41 -5.32 -42.08 2.59
CA TYR B 41 -6.46 -41.54 1.82
C TYR B 41 -6.14 -41.67 0.32
N LEU B 42 -4.91 -41.31 -0.07
CA LEU B 42 -4.46 -41.24 -1.49
C LEU B 42 -4.50 -42.62 -2.13
N GLU B 43 -4.02 -43.66 -1.42
CA GLU B 43 -3.96 -45.06 -1.96
C GLU B 43 -5.37 -45.59 -2.23
N LYS B 44 -6.36 -45.15 -1.44
CA LYS B 44 -7.79 -45.57 -1.62
C LYS B 44 -8.37 -45.04 -2.93
N LEU B 45 -7.67 -44.12 -3.63
CA LEU B 45 -8.24 -43.35 -4.76
C LEU B 45 -8.02 -44.07 -6.10
N PRO B 46 -9.04 -44.18 -6.96
CA PRO B 46 -8.86 -44.68 -8.32
C PRO B 46 -7.79 -43.93 -9.12
N GLY B 47 -7.32 -44.51 -10.23
CA GLY B 47 -6.51 -43.81 -11.24
C GLY B 47 -7.28 -42.65 -11.84
N THR B 48 -8.53 -42.90 -12.24
CA THR B 48 -9.44 -41.90 -12.88
C THR B 48 -9.28 -40.56 -12.15
N THR B 49 -9.64 -40.55 -10.86
CA THR B 49 -9.64 -39.35 -9.98
C THR B 49 -8.28 -38.64 -10.08
N PHE B 50 -7.18 -39.41 -10.12
CA PHE B 50 -5.79 -38.86 -10.23
C PHE B 50 -5.66 -38.01 -11.50
N ARG B 51 -6.21 -38.47 -12.63
CA ARG B 51 -6.19 -37.68 -13.90
C ARG B 51 -6.82 -36.30 -13.62
N LYS B 52 -7.97 -36.31 -12.93
CA LYS B 52 -8.77 -35.10 -12.63
C LYS B 52 -7.99 -34.24 -11.62
N LEU B 53 -7.21 -34.87 -10.75
CA LEU B 53 -6.42 -34.19 -9.70
C LEU B 53 -5.23 -33.48 -10.34
N TYR B 54 -4.51 -34.18 -11.21
CA TYR B 54 -3.23 -33.76 -11.82
C TYR B 54 -3.47 -32.75 -12.95
N GLN B 55 -4.73 -32.36 -13.18
CA GLN B 55 -5.09 -31.27 -14.13
C GLN B 55 -4.73 -29.89 -13.56
N GLN B 56 -3.91 -29.79 -12.50
CA GLN B 56 -3.65 -28.51 -11.78
C GLN B 56 -2.25 -28.53 -11.16
N PRO B 57 -1.33 -27.70 -11.70
CA PRO B 57 0.06 -27.70 -11.24
C PRO B 57 0.22 -27.92 -9.72
N SER B 58 -0.65 -27.33 -8.89
CA SER B 58 -0.51 -27.35 -7.42
C SER B 58 -0.76 -28.77 -6.86
N SER B 59 -1.74 -29.51 -7.41
CA SER B 59 -1.98 -30.94 -7.07
C SER B 59 -0.73 -31.75 -7.39
N ALA B 60 -0.38 -31.84 -8.67
CA ALA B 60 0.84 -32.51 -9.19
C ALA B 60 2.03 -32.16 -8.30
N PHE B 61 2.25 -30.86 -8.08
CA PHE B 61 3.42 -30.35 -7.31
C PHE B 61 3.29 -30.79 -5.86
N ALA B 62 2.05 -30.83 -5.35
CA ALA B 62 1.75 -31.28 -3.97
C ALA B 62 2.19 -32.74 -3.85
N ILE B 63 1.49 -33.64 -4.55
CA ILE B 63 1.91 -35.08 -4.58
C ILE B 63 3.44 -35.09 -4.69
N PHE B 64 3.97 -34.56 -5.80
CA PHE B 64 5.43 -34.54 -6.09
C PHE B 64 6.20 -34.26 -4.81
N ARG B 65 5.87 -33.16 -4.13
CA ARG B 65 6.77 -32.51 -3.13
C ARG B 65 6.86 -33.32 -1.84
N ARG B 66 5.78 -33.98 -1.38
CA ARG B 66 5.79 -34.67 -0.07
C ARG B 66 5.48 -36.16 -0.18
N MET B 67 4.72 -36.60 -1.19
CA MET B 67 4.29 -38.02 -1.32
C MET B 67 5.33 -38.83 -2.14
N LEU B 68 6.59 -38.39 -2.21
CA LEU B 68 7.69 -39.11 -2.93
C LEU B 68 9.02 -38.91 -2.21
N PRO B 69 9.70 -40.01 -1.78
CA PRO B 69 11.02 -39.90 -1.16
C PRO B 69 12.13 -39.70 -2.20
N PRO B 70 13.33 -39.23 -1.78
CA PRO B 70 14.35 -38.75 -2.72
C PRO B 70 14.35 -39.46 -4.08
N LEU B 71 14.74 -40.75 -4.10
CA LEU B 71 14.91 -41.54 -5.35
C LEU B 71 13.65 -41.41 -6.21
N ALA B 72 12.47 -41.60 -5.62
CA ALA B 72 11.15 -41.53 -6.30
C ALA B 72 11.05 -40.19 -7.03
N LYS B 73 11.50 -39.11 -6.38
CA LYS B 73 11.55 -37.75 -6.99
C LYS B 73 12.61 -37.77 -8.10
N VAL B 74 13.82 -38.21 -7.78
CA VAL B 74 14.98 -38.25 -8.73
C VAL B 74 14.50 -38.86 -10.06
N PHE B 75 13.81 -40.00 -10.00
CA PHE B 75 13.30 -40.74 -11.18
C PHE B 75 12.32 -39.86 -11.96
N VAL B 76 11.43 -39.15 -11.25
CA VAL B 76 10.39 -38.25 -11.85
C VAL B 76 11.11 -37.09 -12.55
N GLN B 77 12.08 -36.46 -11.87
CA GLN B 77 12.91 -35.36 -12.42
C GLN B 77 13.63 -35.85 -13.68
N ALA B 78 14.41 -36.92 -13.55
CA ALA B 78 15.15 -37.58 -14.66
C ALA B 78 14.26 -37.66 -15.91
N LEU B 79 13.04 -38.18 -15.76
CA LEU B 79 12.10 -38.43 -16.89
C LEU B 79 11.37 -37.14 -17.28
N LEU B 80 11.26 -36.16 -16.37
CA LEU B 80 10.38 -34.98 -16.57
C LEU B 80 10.68 -34.34 -17.92
N TYR B 81 11.92 -33.91 -18.13
CA TYR B 81 12.43 -33.30 -19.40
C TYR B 81 13.26 -34.34 -20.16
N MET B 82 12.63 -35.47 -20.46
CA MET B 82 13.20 -36.58 -21.28
C MET B 82 12.17 -36.93 -22.36
N PRO B 83 12.54 -36.87 -23.65
CA PRO B 83 11.57 -36.96 -24.74
C PRO B 83 10.89 -38.33 -24.82
N GLN B 84 9.56 -38.37 -24.89
CA GLN B 84 8.74 -39.61 -25.03
C GLN B 84 9.15 -40.57 -23.91
N PRO B 85 9.31 -41.90 -24.11
CA PRO B 85 9.59 -42.81 -22.99
C PRO B 85 11.08 -43.00 -22.65
N MET B 86 11.34 -43.88 -21.67
CA MET B 86 12.68 -44.33 -21.21
C MET B 86 12.62 -45.84 -20.98
N LEU B 87 13.66 -46.45 -20.39
CA LEU B 87 13.73 -47.92 -20.12
C LEU B 87 14.02 -48.15 -18.63
N LEU B 88 13.40 -49.17 -18.02
CA LEU B 88 13.61 -49.54 -16.60
C LEU B 88 15.10 -49.73 -16.35
N SER B 89 15.75 -50.62 -17.11
CA SER B 89 17.20 -50.93 -17.02
C SER B 89 18.04 -49.65 -17.22
N ASP B 90 17.63 -48.81 -18.17
CA ASP B 90 18.25 -47.48 -18.47
C ASP B 90 18.09 -46.56 -17.26
N LEU B 91 17.07 -46.81 -16.41
CA LEU B 91 16.77 -46.01 -15.19
C LEU B 91 17.52 -46.58 -13.97
N ASP B 92 17.65 -47.91 -13.87
CA ASP B 92 18.32 -48.62 -12.73
C ASP B 92 19.72 -48.01 -12.51
N VAL B 93 20.36 -47.53 -13.57
CA VAL B 93 21.70 -46.88 -13.57
C VAL B 93 21.71 -45.67 -12.63
N TRP B 94 20.58 -44.99 -12.44
CA TRP B 94 20.48 -43.71 -11.68
C TRP B 94 20.88 -43.87 -10.20
N VAL B 95 20.95 -45.10 -9.69
CA VAL B 95 21.19 -45.42 -8.25
C VAL B 95 22.66 -45.15 -7.91
N ARG B 105 19.33 -50.08 -2.26
CA ARG B 105 19.35 -50.04 -3.75
C ARG B 105 18.07 -50.70 -4.28
N ALA B 106 18.15 -51.98 -4.70
CA ALA B 106 17.08 -52.70 -5.43
C ALA B 106 15.76 -52.60 -4.65
N LEU B 107 15.81 -52.86 -3.34
CA LEU B 107 14.69 -52.56 -2.39
C LEU B 107 14.12 -51.18 -2.72
N SER B 108 14.90 -50.11 -2.45
CA SER B 108 14.51 -48.68 -2.65
C SER B 108 13.92 -48.47 -4.05
N ILE B 109 14.59 -48.95 -5.10
CA ILE B 109 14.15 -48.76 -6.52
C ILE B 109 12.80 -49.46 -6.73
N LEU B 110 12.64 -50.68 -6.21
CA LEU B 110 11.43 -51.52 -6.38
C LEU B 110 10.26 -50.90 -5.59
N ARG B 111 10.51 -50.42 -4.38
CA ARG B 111 9.47 -49.75 -3.55
C ARG B 111 9.08 -48.43 -4.22
N SER B 112 10.07 -47.59 -4.56
CA SER B 112 9.88 -46.29 -5.28
C SER B 112 9.04 -46.51 -6.56
N LEU B 113 9.43 -47.51 -7.37
CA LEU B 113 8.64 -48.02 -8.51
C LEU B 113 7.17 -48.15 -8.05
N HIS B 114 6.91 -48.91 -6.98
CA HIS B 114 5.53 -49.15 -6.48
C HIS B 114 4.89 -47.80 -6.17
N ILE B 115 5.46 -47.04 -5.22
CA ILE B 115 4.96 -45.69 -4.83
C ILE B 115 4.52 -44.97 -6.11
N VAL B 116 5.45 -44.73 -7.05
CA VAL B 116 5.12 -44.05 -8.34
C VAL B 116 3.90 -44.74 -8.95
N GLN B 117 3.95 -46.05 -9.19
CA GLN B 117 2.82 -46.84 -9.76
C GLN B 117 1.50 -46.45 -9.05
N ILE B 118 1.53 -46.30 -7.71
CA ILE B 118 0.30 -46.18 -6.85
C ILE B 118 -0.51 -44.95 -7.26
N THR B 119 0.17 -43.84 -7.57
CA THR B 119 -0.42 -42.48 -7.70
C THR B 119 -0.40 -42.03 -9.17
N PRO B 120 -0.89 -42.85 -10.13
CA PRO B 120 -0.51 -42.78 -11.53
C PRO B 120 0.28 -41.56 -12.03
N PRO B 121 1.59 -41.47 -11.72
CA PRO B 121 2.51 -40.55 -12.39
C PRO B 121 3.07 -41.21 -13.66
N GLY B 122 3.63 -42.43 -13.53
CA GLY B 122 4.09 -43.27 -14.65
C GLY B 122 3.02 -44.22 -15.17
N LYS B 123 3.04 -44.52 -16.48
CA LYS B 123 2.33 -45.66 -17.12
C LYS B 123 3.28 -46.35 -18.12
N ASP B 124 3.54 -47.65 -17.93
CA ASP B 124 4.68 -48.36 -18.56
C ASP B 124 4.35 -49.84 -18.77
N ARG B 125 5.08 -50.49 -19.69
CA ARG B 125 5.12 -51.97 -19.90
C ARG B 125 6.46 -52.48 -19.35
N PRO B 126 6.65 -53.81 -19.19
CA PRO B 126 7.89 -54.34 -18.60
C PRO B 126 9.23 -53.81 -19.17
N GLN B 127 9.23 -53.24 -20.38
CA GLN B 127 10.44 -52.70 -21.08
C GLN B 127 10.68 -51.22 -20.69
N GLU B 128 9.75 -50.33 -21.07
CA GLU B 128 9.97 -48.85 -21.12
C GLU B 128 9.02 -48.11 -20.18
N VAL B 129 9.47 -46.98 -19.60
CA VAL B 129 8.79 -46.19 -18.53
C VAL B 129 8.52 -44.74 -19.00
N GLN B 130 7.38 -44.18 -18.58
CA GLN B 130 6.83 -42.86 -19.05
C GLN B 130 5.95 -42.23 -17.95
N LEU B 131 5.95 -40.89 -17.84
CA LEU B 131 5.04 -40.10 -16.95
C LEU B 131 3.64 -40.05 -17.57
N THR B 132 2.65 -39.56 -16.82
CA THR B 132 1.23 -39.41 -17.20
C THR B 132 1.02 -38.04 -17.81
N THR B 133 0.15 -37.93 -18.83
CA THR B 133 -0.12 -36.69 -19.60
C THR B 133 -0.33 -35.52 -18.62
N ASN B 134 -1.52 -35.49 -18.02
CA ASN B 134 -1.97 -34.45 -17.05
C ASN B 134 -0.83 -34.13 -16.08
N PHE B 135 -0.33 -35.14 -15.39
CA PHE B 135 0.78 -35.02 -14.44
C PHE B 135 1.95 -34.31 -15.10
N ARG B 136 2.41 -34.82 -16.26
CA ARG B 136 3.54 -34.25 -17.05
C ARG B 136 3.29 -32.75 -17.22
N ASN B 137 2.17 -32.43 -17.88
CA ASN B 137 1.79 -31.03 -18.24
C ASN B 137 1.81 -30.14 -16.99
N SER B 138 1.01 -30.52 -15.97
CA SER B 138 0.79 -29.74 -14.71
C SER B 138 2.10 -29.59 -13.94
N LEU B 139 2.83 -30.69 -13.66
CA LEU B 139 4.11 -30.60 -12.92
C LEU B 139 5.08 -29.71 -13.70
N ARG B 140 5.22 -29.96 -15.02
CA ARG B 140 6.06 -29.13 -15.91
C ARG B 140 5.71 -27.65 -15.68
N LEU B 141 4.43 -27.33 -15.87
CA LEU B 141 3.90 -25.95 -15.72
C LEU B 141 4.27 -25.39 -14.33
N ALA B 142 3.95 -26.11 -13.26
CA ALA B 142 4.24 -25.73 -11.85
C ALA B 142 5.66 -25.16 -11.74
N LEU B 143 6.65 -25.99 -12.08
CA LEU B 143 8.10 -25.62 -12.00
C LEU B 143 8.39 -24.49 -13.00
N GLU B 144 7.86 -24.57 -14.23
CA GLU B 144 8.13 -23.59 -15.33
C GLU B 144 7.57 -22.21 -14.95
N GLY B 145 6.26 -22.02 -15.10
CA GLY B 145 5.54 -20.76 -14.89
C GLY B 145 5.29 -20.50 -13.42
N GLY B 146 4.16 -20.96 -12.88
CA GLY B 146 3.86 -20.93 -11.43
C GLY B 146 2.80 -21.94 -11.03
N ALA B 147 3.02 -22.67 -9.93
CA ALA B 147 2.10 -23.68 -9.36
C ALA B 147 0.74 -23.03 -9.05
N ALA B 148 0.65 -22.28 -7.94
CA ALA B 148 -0.55 -21.52 -7.50
C ALA B 148 -1.02 -20.61 -8.64
N HIS B 149 -0.08 -19.96 -9.33
CA HIS B 149 -0.33 -18.97 -10.41
C HIS B 149 -1.25 -19.57 -11.48
N ASN B 150 -1.06 -20.85 -11.82
CA ASN B 150 -1.83 -21.59 -12.85
C ASN B 150 -2.84 -22.55 -12.21
N SER B 151 -2.76 -22.71 -10.88
CA SER B 151 -3.73 -23.50 -10.07
C SER B 151 -4.84 -22.61 -9.50
N PHE B 152 -5.05 -21.41 -10.08
CA PHE B 152 -6.17 -20.47 -9.78
C PHE B 152 -5.96 -19.73 -8.44
N GLY B 153 -4.71 -19.60 -7.99
CA GLY B 153 -4.34 -18.90 -6.75
C GLY B 153 -3.83 -17.50 -7.05
N VAL B 154 -4.72 -16.62 -7.56
CA VAL B 154 -4.39 -15.27 -8.10
C VAL B 154 -4.30 -14.28 -6.95
N PRO B 155 -3.10 -13.77 -6.57
CA PRO B 155 -2.98 -12.81 -5.48
C PRO B 155 -3.84 -11.57 -5.71
N SER B 156 -4.26 -10.89 -4.63
CA SER B 156 -5.15 -9.70 -4.69
C SER B 156 -4.36 -8.52 -5.22
N SER B 157 -4.93 -7.77 -6.17
CA SER B 157 -4.37 -6.48 -6.65
C SER B 157 -4.86 -5.33 -5.76
N LEU B 158 -6.02 -5.48 -5.09
CA LEU B 158 -6.48 -4.56 -4.01
C LEU B 158 -5.35 -4.38 -3.00
N PRO B 159 -5.24 -3.20 -2.36
CA PRO B 159 -4.20 -2.97 -1.36
C PRO B 159 -4.49 -3.81 -0.11
N VAL B 160 -3.43 -4.15 0.64
CA VAL B 160 -3.51 -4.99 1.88
C VAL B 160 -3.24 -4.11 3.11
N ASP B 161 -3.98 -4.39 4.18
CA ASP B 161 -3.97 -3.62 5.46
C ASP B 161 -2.76 -4.05 6.29
N PRO B 162 -1.81 -3.13 6.58
CA PRO B 162 -0.54 -3.51 7.19
C PRO B 162 -0.63 -4.05 8.63
N ARG B 163 -1.80 -3.95 9.28
CA ARG B 163 -2.08 -4.66 10.56
C ARG B 163 -2.04 -6.17 10.34
N ILE B 164 -2.42 -6.63 9.14
CA ILE B 164 -2.34 -8.06 8.74
C ILE B 164 -0.94 -8.34 8.21
N ASP B 165 0.06 -8.37 9.10
CA ASP B 165 1.41 -8.92 8.85
C ASP B 165 1.43 -10.37 9.34
N ILE B 166 2.46 -11.12 8.95
CA ILE B 166 2.63 -12.57 9.26
C ILE B 166 2.36 -12.82 10.76
N ALA B 167 3.05 -12.11 11.65
CA ALA B 167 2.85 -12.22 13.12
C ALA B 167 1.34 -12.27 13.41
N PHE B 168 0.57 -11.35 12.84
CA PHE B 168 -0.90 -11.26 13.08
C PHE B 168 -1.57 -12.56 12.60
N LEU B 169 -1.20 -13.02 11.39
CA LEU B 169 -1.74 -14.28 10.82
C LEU B 169 -1.37 -15.46 11.72
N ASP B 170 -0.22 -15.39 12.41
CA ASP B 170 0.27 -16.50 13.27
C ASP B 170 -0.63 -16.57 14.50
N ASN B 171 -0.68 -15.52 15.33
CA ASN B 171 -1.55 -15.54 16.54
C ASN B 171 -2.92 -16.08 16.12
N TYR B 172 -3.52 -15.50 15.08
CA TYR B 172 -4.87 -15.86 14.61
C TYR B 172 -4.98 -17.39 14.49
N ALA B 173 -3.99 -18.00 13.84
CA ALA B 173 -3.93 -19.46 13.58
C ALA B 173 -3.72 -20.21 14.89
N ARG B 174 -2.63 -19.88 15.59
CA ARG B 174 -2.19 -20.46 16.87
C ARG B 174 -3.41 -20.56 17.80
N LYS B 175 -4.14 -19.46 18.01
CA LYS B 175 -5.31 -19.44 18.95
C LYS B 175 -6.40 -20.37 18.42
N LYS B 176 -6.58 -20.44 17.10
CA LYS B 176 -7.67 -21.25 16.49
C LYS B 176 -7.32 -22.73 16.63
N TRP B 177 -6.04 -23.08 16.55
CA TRP B 177 -5.59 -24.49 16.73
C TRP B 177 -5.62 -24.85 18.22
N GLU B 178 -4.98 -24.02 19.04
CA GLU B 178 -4.87 -24.16 20.52
C GLU B 178 -6.23 -24.47 21.14
N ASP B 179 -7.31 -23.93 20.56
CA ASP B 179 -8.71 -24.18 20.99
C ASP B 179 -9.13 -25.57 20.56
N ILE B 180 -8.99 -25.90 19.28
CA ILE B 180 -9.30 -27.28 18.80
C ILE B 180 -8.61 -28.26 19.76
N LEU B 181 -7.33 -28.03 20.08
CA LEU B 181 -6.56 -28.91 20.99
C LEU B 181 -7.18 -28.88 22.39
N HIS B 182 -7.23 -27.70 22.99
CA HIS B 182 -7.73 -27.49 24.39
C HIS B 182 -9.10 -28.17 24.55
N TYR B 183 -9.96 -28.15 23.54
CA TYR B 183 -11.25 -28.89 23.54
C TYR B 183 -10.91 -30.36 23.77
N VAL B 184 -10.22 -31.00 22.83
CA VAL B 184 -9.88 -32.46 22.89
C VAL B 184 -9.31 -32.75 24.29
N VAL B 185 -8.39 -31.91 24.75
CA VAL B 185 -7.61 -32.16 26.00
C VAL B 185 -8.57 -32.27 27.17
N SER B 186 -9.68 -31.53 27.11
CA SER B 186 -10.70 -31.55 28.18
C SER B 186 -11.25 -32.99 28.31
N SER B 187 -11.41 -33.73 27.20
CA SER B 187 -12.00 -35.09 27.20
C SER B 187 -11.08 -36.11 27.89
N VAL B 188 -9.83 -35.73 28.20
CA VAL B 188 -8.94 -36.54 29.08
C VAL B 188 -9.33 -36.27 30.52
N PRO B 189 -9.87 -37.27 31.26
CA PRO B 189 -10.41 -37.02 32.60
C PRO B 189 -9.34 -36.68 33.64
N VAL B 190 -8.93 -35.40 33.67
CA VAL B 190 -8.10 -34.79 34.75
C VAL B 190 -8.50 -33.31 34.88
N GLY B 202 -15.74 -20.20 25.26
CA GLY B 202 -15.43 -19.89 23.85
C GLY B 202 -15.28 -21.16 23.03
N GLY B 203 -14.04 -21.66 22.91
CA GLY B 203 -13.68 -22.94 22.25
C GLY B 203 -13.97 -22.89 20.74
N PRO B 204 -13.85 -24.05 20.04
CA PRO B 204 -14.03 -24.10 18.58
C PRO B 204 -15.48 -24.21 18.11
N LYS B 205 -15.76 -23.70 16.92
CA LYS B 205 -17.13 -23.60 16.36
C LYS B 205 -17.71 -25.01 16.25
N ALA B 206 -19.02 -25.14 16.49
CA ALA B 206 -19.79 -26.40 16.37
C ALA B 206 -19.18 -27.29 15.29
N SER B 207 -19.04 -26.76 14.07
CA SER B 207 -18.61 -27.52 12.87
C SER B 207 -17.45 -28.45 13.25
N VAL B 208 -16.48 -27.94 14.02
CA VAL B 208 -15.27 -28.70 14.44
C VAL B 208 -15.70 -29.80 15.42
N LYS B 209 -16.34 -29.37 16.51
CA LYS B 209 -16.84 -30.27 17.59
C LYS B 209 -17.58 -31.44 16.96
N ASP B 210 -18.62 -31.17 16.15
CA ASP B 210 -19.44 -32.23 15.50
C ASP B 210 -18.51 -33.17 14.73
N LEU B 211 -17.46 -32.62 14.10
CA LEU B 211 -16.53 -33.37 13.22
C LEU B 211 -15.68 -34.31 14.09
N LEU B 212 -14.95 -33.75 15.06
CA LEU B 212 -14.15 -34.48 16.08
C LEU B 212 -14.93 -35.67 16.66
N LEU B 213 -16.23 -35.49 16.82
CA LEU B 213 -17.19 -36.53 17.30
C LEU B 213 -17.38 -37.53 16.19
N ALA B 214 -17.83 -37.07 15.03
CA ALA B 214 -18.14 -37.91 13.85
C ALA B 214 -16.93 -38.81 13.55
N GLY B 215 -15.74 -38.35 13.92
CA GLY B 215 -14.43 -38.93 13.59
C GLY B 215 -13.84 -39.67 14.77
N ARG B 216 -14.48 -39.56 15.94
CA ARG B 216 -14.26 -40.41 17.13
C ARG B 216 -12.92 -40.04 17.74
N LEU B 217 -12.48 -38.78 17.57
CA LEU B 217 -11.32 -38.24 18.35
C LEU B 217 -11.84 -37.95 19.75
N VAL B 218 -13.16 -38.04 19.88
CA VAL B 218 -13.92 -37.78 21.13
C VAL B 218 -15.12 -38.73 21.14
N GLU B 219 -15.60 -39.13 22.30
CA GLU B 219 -16.85 -39.91 22.46
C GLU B 219 -17.74 -39.15 23.45
N ARG B 220 -19.05 -39.25 23.27
CA ARG B 220 -20.07 -38.62 24.16
C ARG B 220 -20.17 -39.39 25.50
N ARG B 221 -19.37 -39.03 26.50
CA ARG B 221 -19.65 -39.22 27.94
C ARG B 221 -20.74 -38.24 28.40
N PRO B 222 -22.05 -38.56 28.25
CA PRO B 222 -23.12 -37.67 28.70
C PRO B 222 -23.22 -37.60 30.23
N ASP B 223 -22.27 -38.22 30.93
CA ASP B 223 -22.22 -38.32 32.43
C ASP B 223 -21.07 -37.49 32.96
N THR B 224 -20.38 -36.71 32.11
CA THR B 224 -19.23 -35.82 32.51
C THR B 224 -19.57 -34.32 32.39
N LYS B 225 -18.87 -33.50 33.18
CA LYS B 225 -18.96 -32.02 33.14
C LYS B 225 -18.71 -31.52 31.71
N THR B 226 -18.15 -32.38 30.84
CA THR B 226 -17.76 -32.09 29.43
C THR B 226 -18.70 -32.77 28.44
N GLY B 227 -19.45 -33.79 28.84
CA GLY B 227 -20.29 -34.57 27.92
C GLY B 227 -19.48 -35.40 26.93
N ILE B 228 -18.16 -35.58 27.15
CA ILE B 228 -17.23 -36.02 26.06
C ILE B 228 -15.92 -36.60 26.63
N GLY B 229 -15.56 -37.82 26.17
CA GLY B 229 -14.40 -38.61 26.63
C GLY B 229 -13.36 -38.84 25.53
N ILE B 230 -12.08 -38.85 25.88
CA ILE B 230 -10.94 -39.00 24.92
C ILE B 230 -10.89 -40.43 24.39
N THR B 231 -10.99 -40.60 23.07
CA THR B 231 -10.74 -41.88 22.35
C THR B 231 -9.23 -42.09 22.25
N GLN B 232 -8.78 -43.18 21.61
CA GLN B 232 -7.35 -43.43 21.28
C GLN B 232 -6.96 -42.45 20.16
N ALA B 233 -7.76 -42.38 19.10
CA ALA B 233 -7.48 -41.48 17.97
C ALA B 233 -7.17 -40.07 18.51
N GLY B 234 -8.10 -39.49 19.27
CA GLY B 234 -7.94 -38.17 19.93
C GLY B 234 -6.59 -38.04 20.57
N PHE B 235 -6.13 -39.11 21.22
CA PHE B 235 -4.77 -39.14 21.80
C PHE B 235 -3.71 -39.15 20.70
N THR B 236 -3.88 -39.96 19.64
CA THR B 236 -2.81 -40.05 18.62
C THR B 236 -2.67 -38.64 18.04
N PHE B 237 -3.79 -38.08 17.57
CA PHE B 237 -3.96 -36.64 17.24
C PHE B 237 -3.14 -35.76 18.20
N LEU B 238 -3.46 -35.75 19.49
CA LEU B 238 -2.81 -34.81 20.44
C LEU B 238 -1.30 -34.99 20.36
N LEU B 239 -0.82 -36.21 20.12
CA LEU B 239 0.63 -36.52 20.17
C LEU B 239 1.28 -36.33 18.78
N GLN B 240 0.50 -36.26 17.69
CA GLN B 240 0.97 -35.98 16.31
C GLN B 240 1.71 -34.63 16.29
N GLU B 241 2.63 -34.46 15.32
CA GLU B 241 3.27 -33.16 14.98
C GLU B 241 2.21 -32.27 14.34
N ALA B 242 2.34 -30.95 14.54
CA ALA B 242 1.33 -29.94 14.14
C ALA B 242 0.79 -30.25 12.73
N ASN B 243 1.67 -30.48 11.75
CA ASN B 243 1.23 -30.69 10.34
C ASN B 243 0.30 -31.89 10.29
N ALA B 244 0.74 -33.00 10.89
CA ALA B 244 -0.05 -34.25 11.02
C ALA B 244 -1.38 -33.90 11.70
N GLN B 245 -1.34 -33.14 12.80
CA GLN B 245 -2.58 -32.70 13.49
C GLN B 245 -3.49 -32.06 12.45
N VAL B 246 -2.96 -31.13 11.66
CA VAL B 246 -3.82 -30.41 10.65
C VAL B 246 -4.35 -31.42 9.64
N TRP B 247 -3.51 -32.36 9.16
CA TRP B 247 -3.97 -33.31 8.12
C TRP B 247 -5.08 -34.19 8.71
N THR B 248 -4.90 -34.69 9.93
CA THR B 248 -5.91 -35.56 10.59
C THR B 248 -7.29 -34.94 10.38
N LEU B 249 -7.46 -33.71 10.88
CA LEU B 249 -8.73 -32.95 10.74
C LEU B 249 -9.16 -32.97 9.27
N LEU B 250 -8.29 -32.55 8.35
CA LEU B 250 -8.69 -32.35 6.92
C LEU B 250 -9.22 -33.68 6.38
N LEU B 251 -8.58 -34.79 6.76
CA LEU B 251 -8.99 -36.15 6.33
C LEU B 251 -10.40 -36.44 6.88
N LEU B 252 -10.65 -36.13 8.16
CA LEU B 252 -12.02 -36.26 8.75
C LEU B 252 -13.01 -35.43 7.92
N TRP B 253 -12.70 -34.13 7.75
CA TRP B 253 -13.53 -33.14 7.00
C TRP B 253 -13.86 -33.68 5.61
N LEU B 254 -12.87 -34.22 4.91
CA LEU B 254 -13.04 -34.89 3.60
C LEU B 254 -13.98 -36.08 3.75
N GLU B 255 -13.62 -37.05 4.60
CA GLU B 255 -14.36 -38.33 4.72
C GLU B 255 -15.83 -38.05 5.05
N ALA B 256 -16.11 -37.09 5.94
CA ALA B 256 -17.48 -36.61 6.25
C ALA B 256 -18.31 -36.47 4.97
N ALA B 257 -17.73 -35.82 3.95
CA ALA B 257 -18.38 -35.51 2.66
C ALA B 257 -18.70 -36.81 1.92
N ASP B 258 -17.78 -37.78 1.98
CA ASP B 258 -17.96 -39.10 1.34
C ASP B 258 -19.07 -39.85 2.08
N GLN B 259 -19.04 -39.87 3.41
CA GLN B 259 -20.10 -40.46 4.27
C GLN B 259 -21.45 -39.82 3.90
N ALA B 260 -21.50 -38.48 3.81
CA ALA B 260 -22.72 -37.72 3.47
C ALA B 260 -23.22 -38.12 2.08
N LYS B 261 -22.33 -38.05 1.08
CA LYS B 261 -22.59 -38.46 -0.33
C LYS B 261 -23.18 -39.89 -0.36
N ALA B 262 -22.49 -40.85 0.27
CA ALA B 262 -22.92 -42.26 0.38
C ALA B 262 -24.32 -42.33 1.01
N ALA B 263 -24.51 -41.65 2.15
CA ALA B 263 -25.78 -41.58 2.91
C ALA B 263 -26.91 -41.05 2.02
N ALA B 264 -26.64 -40.03 1.20
CA ALA B 264 -27.60 -39.44 0.24
C ALA B 264 -28.05 -40.52 -0.75
N LYS B 279 -23.17 -29.42 -3.48
CA LYS B 279 -22.69 -30.81 -3.23
C LYS B 279 -21.19 -30.87 -3.52
N PRO B 280 -20.33 -30.29 -2.65
CA PRO B 280 -18.87 -30.34 -2.84
C PRO B 280 -18.30 -31.75 -2.68
N ASP B 281 -17.31 -32.08 -3.52
CA ASP B 281 -16.74 -33.45 -3.69
C ASP B 281 -15.28 -33.46 -3.20
N SER B 282 -14.90 -34.55 -2.53
CA SER B 282 -13.63 -34.71 -1.77
C SER B 282 -12.41 -34.38 -2.63
N ILE B 283 -12.48 -34.64 -3.94
CA ILE B 283 -11.40 -34.33 -4.92
C ILE B 283 -11.36 -32.80 -5.11
N GLU B 284 -12.50 -32.18 -5.40
CA GLU B 284 -12.61 -30.70 -5.54
C GLU B 284 -12.10 -30.06 -4.25
N MET B 285 -12.50 -30.59 -3.09
CA MET B 285 -11.98 -30.21 -1.75
C MET B 285 -10.45 -30.33 -1.74
N LEU B 286 -9.94 -31.55 -1.81
CA LEU B 286 -8.49 -31.85 -1.71
C LEU B 286 -7.71 -30.87 -2.60
N SER B 287 -8.07 -30.81 -3.89
CA SER B 287 -7.46 -29.91 -4.91
C SER B 287 -7.27 -28.51 -4.28
N PHE B 288 -8.34 -27.93 -3.72
CA PHE B 288 -8.31 -26.60 -3.03
C PHE B 288 -7.13 -26.59 -2.04
N LEU B 289 -7.12 -27.52 -1.09
CA LEU B 289 -6.03 -27.59 -0.06
C LEU B 289 -4.70 -27.61 -0.79
N PHE B 290 -4.62 -28.43 -1.85
CA PHE B 290 -3.37 -28.55 -2.65
C PHE B 290 -2.98 -27.17 -3.16
N MET B 291 -3.92 -26.36 -3.65
CA MET B 291 -3.63 -24.94 -3.99
C MET B 291 -3.18 -24.21 -2.72
N LEU B 292 -4.10 -23.97 -1.78
CA LEU B 292 -3.81 -23.25 -0.52
C LEU B 292 -2.35 -23.49 -0.14
N ALA B 293 -1.92 -24.75 -0.09
CA ALA B 293 -0.56 -25.11 0.38
C ALA B 293 0.51 -24.45 -0.48
N SER B 294 0.23 -24.16 -1.75
CA SER B 294 1.19 -23.46 -2.66
C SER B 294 1.18 -21.95 -2.41
N LEU B 295 0.07 -21.36 -1.92
CA LEU B 295 -0.06 -19.88 -1.77
C LEU B 295 1.06 -19.33 -0.88
N GLU B 296 1.23 -18.00 -0.83
CA GLU B 296 2.32 -17.35 -0.07
C GLU B 296 1.78 -16.73 1.23
N LEU B 297 2.32 -17.14 2.37
CA LEU B 297 1.92 -16.69 3.72
C LEU B 297 2.15 -15.17 3.85
N GLY B 298 1.11 -14.41 4.18
CA GLY B 298 1.22 -12.95 4.37
C GLY B 298 0.65 -12.18 3.19
N ARG B 299 0.67 -12.75 1.98
CA ARG B 299 -0.04 -12.19 0.81
C ARG B 299 -1.53 -12.44 0.97
N ALA B 300 -2.35 -11.76 0.17
CA ALA B 300 -3.82 -11.86 0.10
C ALA B 300 -4.22 -12.36 -1.29
N TYR B 301 -5.40 -12.97 -1.41
CA TYR B 301 -5.86 -13.66 -2.63
C TYR B 301 -7.35 -13.34 -2.87
N ASP B 302 -7.78 -13.38 -4.12
CA ASP B 302 -9.10 -12.86 -4.58
C ASP B 302 -10.11 -14.01 -4.49
N THR B 303 -11.24 -13.80 -3.81
CA THR B 303 -12.33 -14.79 -3.65
C THR B 303 -13.01 -14.99 -5.01
N ASP B 304 -13.13 -13.93 -5.83
CA ASP B 304 -13.86 -13.96 -7.14
C ASP B 304 -13.13 -14.86 -8.13
N ALA B 305 -11.83 -15.08 -7.97
CA ALA B 305 -11.04 -16.07 -8.76
C ALA B 305 -11.49 -17.49 -8.44
N LEU B 306 -12.01 -17.75 -7.22
CA LEU B 306 -12.43 -19.11 -6.79
C LEU B 306 -13.72 -19.50 -7.52
N SER B 307 -13.86 -20.78 -7.85
CA SER B 307 -15.13 -21.41 -8.30
C SER B 307 -16.15 -21.41 -7.16
N GLU B 308 -17.43 -21.54 -7.51
CA GLU B 308 -18.57 -21.53 -6.55
C GLU B 308 -18.28 -22.56 -5.45
N THR B 309 -18.09 -23.83 -5.80
CA THR B 309 -17.98 -24.97 -4.84
C THR B 309 -16.75 -24.76 -3.95
N ARG B 310 -15.73 -24.08 -4.45
CA ARG B 310 -14.53 -23.69 -3.66
C ARG B 310 -14.90 -22.56 -2.68
N ARG B 311 -15.50 -21.49 -3.20
CA ARG B 311 -15.94 -20.34 -2.36
C ARG B 311 -16.67 -20.91 -1.13
N ASN B 312 -17.57 -21.87 -1.38
CA ASN B 312 -18.44 -22.52 -0.36
C ASN B 312 -17.61 -23.21 0.74
N MET B 313 -16.38 -23.64 0.46
CA MET B 313 -15.53 -24.38 1.43
C MET B 313 -15.00 -23.43 2.51
N LEU B 314 -14.81 -22.16 2.20
CA LEU B 314 -14.05 -21.18 3.03
C LEU B 314 -14.47 -21.26 4.50
N PRO B 315 -15.77 -21.10 4.86
CA PRO B 315 -16.23 -21.27 6.24
C PRO B 315 -15.46 -22.37 7.00
N ALA B 316 -15.55 -23.63 6.57
CA ALA B 316 -14.89 -24.77 7.24
C ALA B 316 -13.40 -24.46 7.45
N LEU B 317 -12.74 -23.93 6.41
CA LEU B 317 -11.28 -23.64 6.44
C LEU B 317 -11.03 -22.38 7.28
N VAL B 318 -12.02 -21.50 7.43
CA VAL B 318 -11.90 -20.37 8.37
C VAL B 318 -11.93 -20.96 9.78
N ASP B 319 -12.98 -21.75 10.09
CA ASP B 319 -13.11 -22.50 11.35
C ASP B 319 -11.77 -23.18 11.69
N PHE B 320 -11.25 -24.06 10.81
CA PHE B 320 -10.00 -24.82 11.08
C PHE B 320 -8.79 -23.90 11.34
N GLY B 321 -8.88 -22.59 11.07
CA GLY B 321 -7.74 -21.64 11.17
C GLY B 321 -6.88 -21.62 9.92
N LEU B 322 -7.31 -22.29 8.84
CA LEU B 322 -6.51 -22.42 7.59
C LEU B 322 -6.50 -21.08 6.82
N ILE B 323 -7.58 -20.29 6.91
CA ILE B 323 -7.80 -19.02 6.16
C ILE B 323 -8.34 -17.93 7.10
N TYR B 324 -7.89 -16.69 6.89
CA TYR B 324 -8.37 -15.43 7.51
C TYR B 324 -9.07 -14.58 6.43
N ILE B 325 -10.33 -14.21 6.65
CA ILE B 325 -11.15 -13.32 5.79
C ILE B 325 -11.59 -12.13 6.65
N PRO B 326 -10.82 -11.02 6.71
CA PRO B 326 -11.12 -9.93 7.62
C PRO B 326 -12.42 -9.19 7.28
N ARG B 327 -12.88 -9.25 6.02
CA ARG B 327 -13.98 -8.42 5.50
C ARG B 327 -14.75 -9.15 4.41
N GLU B 328 -16.05 -8.85 4.34
CA GLU B 328 -17.07 -9.54 3.50
C GLU B 328 -17.09 -8.83 2.14
N ASP B 329 -16.69 -7.56 2.10
CA ASP B 329 -16.85 -6.66 0.93
C ASP B 329 -15.65 -6.79 -0.02
N THR B 330 -14.41 -6.80 0.51
CA THR B 330 -13.16 -6.65 -0.30
C THR B 330 -13.14 -7.67 -1.44
N ARG B 331 -13.41 -8.94 -1.11
CA ARG B 331 -13.13 -10.13 -1.95
C ARG B 331 -11.63 -10.44 -1.85
N GLN B 332 -11.07 -10.44 -0.62
CA GLN B 332 -9.70 -10.96 -0.35
C GLN B 332 -9.70 -11.89 0.88
N TYR B 333 -9.09 -13.08 0.71
CA TYR B 333 -8.80 -14.10 1.75
C TYR B 333 -7.29 -14.24 1.91
N PHE B 334 -6.81 -14.56 3.11
CA PHE B 334 -5.38 -14.78 3.43
C PHE B 334 -5.21 -16.18 4.00
N PRO B 335 -4.32 -17.04 3.48
CA PRO B 335 -4.08 -18.35 4.09
C PRO B 335 -3.14 -18.18 5.29
N THR B 336 -3.27 -19.04 6.31
CA THR B 336 -2.37 -19.08 7.51
C THR B 336 -1.26 -20.11 7.27
N ARG B 337 -0.22 -20.13 8.12
CA ARG B 337 0.83 -21.18 8.08
C ARG B 337 0.16 -22.56 7.89
N LEU B 338 -0.83 -22.83 8.73
CA LEU B 338 -1.55 -24.12 8.82
C LEU B 338 -1.94 -24.56 7.42
N ALA B 339 -2.11 -23.60 6.51
CA ALA B 339 -2.37 -23.83 5.07
C ALA B 339 -1.04 -23.97 4.35
N THR B 340 -0.15 -22.97 4.45
CA THR B 340 0.97 -22.78 3.50
C THR B 340 2.01 -23.88 3.68
N THR B 341 2.25 -24.26 4.94
CA THR B 341 3.18 -25.35 5.31
C THR B 341 2.47 -26.71 5.21
N LEU B 342 1.28 -26.79 4.58
CA LEU B 342 0.54 -28.08 4.60
C LEU B 342 1.48 -29.22 4.20
N THR B 343 2.38 -28.97 3.25
CA THR B 343 3.19 -30.01 2.56
C THR B 343 4.68 -29.73 2.72
N SER B 344 5.28 -30.12 3.85
CA SER B 344 6.74 -29.95 4.10
C SER B 344 7.21 -30.94 5.18
N SER B 345 8.53 -30.95 5.45
CA SER B 345 9.18 -31.69 6.56
C SER B 345 8.92 -33.19 6.41
N TYR C 36 -28.90 29.74 -8.61
CA TYR C 36 -28.61 30.77 -7.56
C TYR C 36 -27.21 30.51 -7.00
N GLN C 37 -26.85 31.11 -5.86
CA GLN C 37 -25.48 31.13 -5.27
C GLN C 37 -25.55 30.96 -3.74
N LEU C 38 -24.39 30.97 -3.07
CA LEU C 38 -24.20 30.47 -1.67
C LEU C 38 -24.84 31.43 -0.66
N SER C 39 -24.43 32.70 -0.68
CA SER C 39 -25.03 33.79 0.12
C SER C 39 -26.54 33.56 0.19
N ASP C 40 -27.16 33.46 -1.00
CA ASP C 40 -28.62 33.26 -1.18
C ASP C 40 -29.08 32.10 -0.29
N TYR C 41 -28.44 30.94 -0.37
CA TYR C 41 -28.89 29.75 0.38
C TYR C 41 -28.68 29.99 1.88
N LEU C 42 -27.50 30.51 2.24
CA LEU C 42 -27.08 30.71 3.65
C LEU C 42 -28.04 31.67 4.36
N GLU C 43 -28.38 32.81 3.72
CA GLU C 43 -29.22 33.87 4.34
C GLU C 43 -30.63 33.32 4.63
N LYS C 44 -31.11 32.35 3.84
CA LYS C 44 -32.43 31.69 4.02
C LYS C 44 -32.47 30.86 5.31
N LEU C 45 -31.33 30.61 5.95
CA LEU C 45 -31.19 29.61 7.04
C LEU C 45 -31.48 30.25 8.39
N PRO C 46 -32.27 29.59 9.27
CA PRO C 46 -32.41 30.03 10.66
C PRO C 46 -31.09 30.16 11.42
N GLY C 47 -31.09 30.85 12.55
CA GLY C 47 -29.99 30.85 13.53
C GLY C 47 -29.76 29.46 14.07
N THR C 48 -30.85 28.79 14.49
CA THR C 48 -30.84 27.41 15.06
C THR C 48 -29.84 26.55 14.28
N THR C 49 -30.14 26.34 12.99
CA THR C 49 -29.36 25.50 12.05
C THR C 49 -27.87 25.89 12.16
N PHE C 50 -27.56 27.19 12.20
CA PHE C 50 -26.17 27.72 12.26
C PHE C 50 -25.45 27.16 13.50
N ARG C 51 -26.14 27.04 14.63
CA ARG C 51 -25.56 26.43 15.86
C ARG C 51 -25.13 25.00 15.50
N LYS C 52 -25.99 24.27 14.79
CA LYS C 52 -25.79 22.83 14.45
C LYS C 52 -24.67 22.74 13.42
N LEU C 53 -24.53 23.76 12.57
CA LEU C 53 -23.51 23.85 11.50
C LEU C 53 -22.14 24.12 12.13
N TYR C 54 -22.06 25.11 13.03
CA TYR C 54 -20.79 25.62 13.62
C TYR C 54 -20.27 24.67 14.71
N GLN C 55 -20.90 23.50 14.89
CA GLN C 55 -20.41 22.41 15.79
C GLN C 55 -19.22 21.66 15.17
N GLN C 56 -18.63 22.17 14.08
CA GLN C 56 -17.60 21.44 13.30
C GLN C 56 -16.61 22.44 12.69
N PRO C 57 -15.35 22.42 13.17
CA PRO C 57 -14.32 23.37 12.72
C PRO C 57 -14.37 23.70 11.22
N SER C 58 -14.62 22.72 10.36
CA SER C 58 -14.61 22.87 8.88
C SER C 58 -15.76 23.79 8.43
N SER C 59 -16.96 23.65 9.00
CA SER C 59 -18.11 24.55 8.74
C SER C 59 -17.73 26.00 9.08
N ALA C 60 -17.50 26.26 10.37
CA ALA C 60 -17.03 27.55 10.91
C ALA C 60 -15.93 28.12 10.02
N PHE C 61 -14.91 27.31 9.74
CA PHE C 61 -13.73 27.75 8.94
C PHE C 61 -14.17 28.03 7.51
N ALA C 62 -15.14 27.26 7.01
CA ALA C 62 -15.72 27.44 5.65
C ALA C 62 -16.38 28.81 5.60
N ILE C 63 -17.46 28.99 6.36
CA ILE C 63 -18.12 30.32 6.47
C ILE C 63 -17.01 31.37 6.58
N PHE C 64 -16.22 31.31 7.66
CA PHE C 64 -15.11 32.24 7.93
C PHE C 64 -14.43 32.60 6.62
N ARG C 65 -13.91 31.58 5.93
CA ARG C 65 -12.86 31.75 4.89
C ARG C 65 -13.38 32.49 3.65
N ARG C 66 -14.64 32.27 3.24
CA ARG C 66 -15.14 32.82 1.95
C ARG C 66 -16.39 33.69 2.12
N MET C 67 -17.18 33.48 3.17
CA MET C 67 -18.44 34.24 3.39
C MET C 67 -18.19 35.48 4.26
N LEU C 68 -16.97 36.02 4.29
CA LEU C 68 -16.61 37.27 5.03
C LEU C 68 -15.54 38.03 4.27
N PRO C 69 -15.77 39.32 3.90
CA PRO C 69 -14.72 40.17 3.31
C PRO C 69 -13.75 40.75 4.33
N PRO C 70 -12.56 41.22 3.90
CA PRO C 70 -11.44 41.50 4.81
C PRO C 70 -11.87 41.96 6.22
N LEU C 71 -12.43 43.17 6.32
CA LEU C 71 -12.80 43.82 7.61
C LEU C 71 -13.61 42.82 8.46
N ALA C 72 -14.65 42.23 7.87
CA ALA C 72 -15.56 41.25 8.53
C ALA C 72 -14.72 40.14 9.18
N LYS C 73 -13.67 39.68 8.50
CA LYS C 73 -12.70 38.69 9.03
C LYS C 73 -11.90 39.36 10.15
N VAL C 74 -11.33 40.54 9.89
CA VAL C 74 -10.43 41.29 10.83
C VAL C 74 -11.13 41.40 12.19
N PHE C 75 -12.43 41.76 12.19
CA PHE C 75 -13.26 41.90 13.40
C PHE C 75 -13.36 40.55 14.12
N VAL C 76 -13.59 39.46 13.36
CA VAL C 76 -13.73 38.08 13.91
C VAL C 76 -12.39 37.66 14.55
N GLN C 77 -11.28 37.89 13.84
CA GLN C 77 -9.91 37.62 14.33
C GLN C 77 -9.68 38.40 15.63
N ALA C 78 -9.79 39.73 15.56
CA ALA C 78 -9.65 40.67 16.70
C ALA C 78 -10.32 40.05 17.95
N LEU C 79 -11.59 39.66 17.83
CA LEU C 79 -12.40 39.16 18.98
C LEU C 79 -12.00 37.71 19.31
N LEU C 80 -11.56 36.93 18.31
CA LEU C 80 -11.40 35.45 18.45
C LEU C 80 -10.71 35.15 19.78
N TYR C 81 -9.48 35.64 19.95
CA TYR C 81 -8.65 35.48 21.19
C TYR C 81 -8.73 36.78 22.01
N MET C 82 -9.95 37.20 22.35
CA MET C 82 -10.24 38.35 23.24
C MET C 82 -11.20 37.89 24.34
N PRO C 83 -10.84 38.05 25.63
CA PRO C 83 -11.58 37.41 26.72
C PRO C 83 -13.00 37.97 26.87
N GLN C 84 -14.00 37.09 26.94
CA GLN C 84 -15.43 37.43 27.15
C GLN C 84 -15.83 38.46 26.08
N PRO C 85 -16.60 39.54 26.35
CA PRO C 85 -17.02 40.46 25.28
C PRO C 85 -16.07 41.62 24.96
N MET C 86 -16.49 42.47 24.01
CA MET C 86 -15.81 43.73 23.59
C MET C 86 -16.89 44.81 23.42
N LEU C 87 -16.53 45.98 22.87
CA LEU C 87 -17.46 47.13 22.67
C LEU C 87 -17.44 47.57 21.20
N LEU C 88 -18.61 47.91 20.65
CA LEU C 88 -18.77 48.38 19.25
C LEU C 88 -17.79 49.54 18.99
N SER C 89 -17.87 50.60 19.81
CA SER C 89 -17.00 51.81 19.75
C SER C 89 -15.52 51.41 19.88
N ASP C 90 -15.22 50.49 20.81
CA ASP C 90 -13.87 49.91 21.04
C ASP C 90 -13.41 49.15 19.79
N LEU C 91 -14.36 48.70 18.96
CA LEU C 91 -14.08 47.96 17.68
C LEU C 91 -13.96 48.94 16.50
N ASP C 92 -14.76 50.01 16.47
CA ASP C 92 -14.78 51.03 15.38
C ASP C 92 -13.36 51.54 15.12
N VAL C 93 -12.54 51.59 16.17
CA VAL C 93 -11.11 52.00 16.14
C VAL C 93 -10.35 51.10 15.15
N LEU C 107 -19.78 52.89 6.21
CA LEU C 107 -20.43 51.94 5.26
C LEU C 107 -19.92 50.53 5.55
N SER C 108 -18.66 50.25 5.17
CA SER C 108 -17.98 48.93 5.27
C SER C 108 -18.24 48.31 6.64
N ILE C 109 -18.04 49.09 7.73
CA ILE C 109 -18.18 48.60 9.13
C ILE C 109 -19.66 48.20 9.36
N LEU C 110 -20.60 49.03 8.88
CA LEU C 110 -22.05 48.84 9.12
C LEU C 110 -22.54 47.63 8.30
N ARG C 111 -22.05 47.46 7.08
CA ARG C 111 -22.40 46.30 6.21
C ARG C 111 -21.78 45.03 6.81
N SER C 112 -20.47 45.05 7.11
CA SER C 112 -19.73 43.94 7.76
C SER C 112 -20.46 43.50 9.03
N LEU C 113 -20.80 44.46 9.90
CA LEU C 113 -21.70 44.25 11.07
C LEU C 113 -22.88 43.38 10.62
N HIS C 114 -23.62 43.81 9.59
CA HIS C 114 -24.82 43.09 9.09
C HIS C 114 -24.39 41.67 8.71
N ILE C 115 -23.50 41.53 7.73
CA ILE C 115 -22.96 40.22 7.27
C ILE C 115 -22.76 39.33 8.49
N VAL C 116 -21.90 39.74 9.44
CA VAL C 116 -21.65 38.98 10.69
C VAL C 116 -23.00 38.63 11.32
N GLN C 117 -23.83 39.63 11.64
CA GLN C 117 -25.18 39.42 12.25
C GLN C 117 -25.93 38.29 11.52
N ILE C 118 -25.85 38.24 10.18
CA ILE C 118 -26.70 37.37 9.31
C ILE C 118 -26.45 35.89 9.64
N THR C 119 -25.20 35.51 9.88
CA THR C 119 -24.71 34.10 9.95
C THR C 119 -24.33 33.74 11.39
N PRO C 120 -25.22 33.96 12.39
CA PRO C 120 -24.85 34.11 13.80
C PRO C 120 -23.43 33.74 14.22
N PRO C 121 -22.41 34.58 13.95
CA PRO C 121 -21.08 34.46 14.56
C PRO C 121 -21.01 35.29 15.84
N GLN C 130 -19.65 40.14 20.90
CA GLN C 130 -19.20 38.78 21.31
C GLN C 130 -19.46 37.79 20.17
N LEU C 131 -18.60 36.79 20.02
CA LEU C 131 -18.77 35.65 19.07
C LEU C 131 -19.77 34.66 19.67
N THR C 132 -20.19 33.66 18.88
CA THR C 132 -21.13 32.57 19.27
C THR C 132 -20.32 31.40 19.85
N THR C 133 -20.87 30.70 20.85
CA THR C 133 -20.20 29.57 21.56
C THR C 133 -19.62 28.59 20.52
N ASN C 134 -20.48 27.77 19.92
CA ASN C 134 -20.14 26.76 18.89
C ASN C 134 -19.06 27.37 17.98
N PHE C 135 -19.43 28.43 17.26
CA PHE C 135 -18.55 29.14 16.29
C PHE C 135 -17.19 29.40 16.94
N ARG C 136 -17.19 30.01 18.12
CA ARG C 136 -15.94 30.30 18.88
C ARG C 136 -15.14 28.99 18.94
N ASN C 137 -15.72 27.95 19.55
CA ASN C 137 -15.04 26.67 19.87
C ASN C 137 -14.45 26.09 18.58
N SER C 138 -15.33 25.87 17.59
CA SER C 138 -15.03 25.23 16.28
C SER C 138 -13.98 26.04 15.51
N LEU C 139 -14.18 27.34 15.34
CA LEU C 139 -13.22 28.19 14.57
C LEU C 139 -11.87 28.20 15.31
N ARG C 140 -11.89 28.40 16.64
CA ARG C 140 -10.69 28.28 17.50
C ARG C 140 -9.97 26.98 17.13
N LEU C 141 -10.69 25.85 17.30
CA LEU C 141 -10.12 24.48 17.10
C LEU C 141 -9.50 24.40 15.70
N ALA C 142 -10.28 24.73 14.67
CA ALA C 142 -9.88 24.70 13.24
C ALA C 142 -8.47 25.25 13.08
N LEU C 143 -8.25 26.51 13.47
CA LEU C 143 -6.94 27.21 13.40
C LEU C 143 -5.93 26.54 14.35
N GLU C 144 -6.34 26.24 15.59
CA GLU C 144 -5.45 25.64 16.62
C GLU C 144 -4.97 24.27 16.14
N GLY C 145 -5.83 23.24 16.25
CA GLY C 145 -5.50 21.82 15.98
C GLY C 145 -5.55 21.52 14.49
N GLY C 146 -6.72 21.12 13.98
CA GLY C 146 -6.95 20.87 12.55
C GLY C 146 -8.43 20.85 12.18
N ALA C 147 -8.80 21.66 11.17
CA ALA C 147 -10.16 21.81 10.62
C ALA C 147 -10.77 20.44 10.27
N ALA C 148 -10.32 19.84 9.15
CA ALA C 148 -10.74 18.52 8.66
C ALA C 148 -10.43 17.46 9.73
N HIS C 149 -9.28 17.63 10.39
CA HIS C 149 -8.76 16.70 11.43
C HIS C 149 -9.82 16.50 12.52
N ASN C 150 -10.49 17.57 12.95
CA ASN C 150 -11.53 17.56 14.01
C ASN C 150 -12.94 17.58 13.41
N SER C 151 -13.05 17.78 12.08
CA SER C 151 -14.33 17.73 11.33
C SER C 151 -14.54 16.35 10.71
N PHE C 152 -13.88 15.30 11.25
CA PHE C 152 -14.08 13.88 10.91
C PHE C 152 -13.46 13.55 9.54
N GLY C 153 -12.47 14.34 9.11
CA GLY C 153 -11.75 14.12 7.83
C GLY C 153 -10.42 13.42 8.08
N VAL C 154 -10.48 12.15 8.48
CA VAL C 154 -9.32 11.32 8.94
C VAL C 154 -8.65 10.66 7.73
N PRO C 155 -7.46 11.15 7.29
CA PRO C 155 -6.77 10.53 6.16
C PRO C 155 -6.58 9.02 6.35
N SER C 156 -6.48 8.27 5.25
CA SER C 156 -6.36 6.78 5.24
C SER C 156 -4.94 6.40 5.66
N SER C 157 -4.83 5.41 6.56
CA SER C 157 -3.53 4.82 6.99
C SER C 157 -3.14 3.67 6.05
N LEU C 158 -4.12 3.06 5.39
CA LEU C 158 -3.88 2.14 4.24
C LEU C 158 -2.96 2.81 3.23
N PRO C 159 -2.13 2.03 2.51
CA PRO C 159 -1.22 2.59 1.51
C PRO C 159 -2.02 3.06 0.29
N VAL C 160 -1.50 4.06 -0.43
CA VAL C 160 -2.15 4.69 -1.61
C VAL C 160 -1.40 4.27 -2.89
N ASP C 161 -2.16 4.04 -3.96
CA ASP C 161 -1.68 3.51 -5.26
C ASP C 161 -1.11 4.66 -6.08
N PRO C 162 0.21 4.64 -6.40
CA PRO C 162 0.88 5.80 -6.96
C PRO C 162 0.43 6.20 -8.37
N ARG C 163 -0.40 5.40 -9.04
CA ARG C 163 -1.12 5.80 -10.28
C ARG C 163 -2.11 6.94 -9.98
N ILE C 164 -2.67 6.97 -8.76
CA ILE C 164 -3.58 8.05 -8.28
C ILE C 164 -2.74 9.20 -7.72
N ASP C 165 -2.00 9.90 -8.59
CA ASP C 165 -1.36 11.20 -8.29
C ASP C 165 -2.35 12.30 -8.68
N ILE C 166 -2.08 13.55 -8.28
CA ILE C 166 -2.95 14.74 -8.52
C ILE C 166 -3.35 14.80 -10.01
N ALA C 167 -2.39 14.81 -10.93
CA ALA C 167 -2.66 14.81 -12.39
C ALA C 167 -3.84 13.87 -12.67
N PHE C 168 -3.76 12.62 -12.21
CA PHE C 168 -4.81 11.57 -12.44
C PHE C 168 -6.14 12.08 -11.89
N LEU C 169 -6.15 12.59 -10.66
CA LEU C 169 -7.38 13.13 -10.02
C LEU C 169 -7.88 14.31 -10.87
N ASP C 170 -7.00 15.01 -11.58
CA ASP C 170 -7.41 16.22 -12.35
C ASP C 170 -8.18 15.74 -13.57
N ASN C 171 -7.56 14.99 -14.47
CA ASN C 171 -8.26 14.45 -15.67
C ASN C 171 -9.61 13.89 -15.25
N TYR C 172 -9.61 13.01 -14.24
CA TYR C 172 -10.85 12.37 -13.74
C TYR C 172 -11.94 13.42 -13.56
N ALA C 173 -11.62 14.52 -12.85
CA ALA C 173 -12.55 15.61 -12.51
C ALA C 173 -12.92 16.37 -13.79
N ARG C 174 -11.89 16.85 -14.48
CA ARG C 174 -12.01 17.65 -15.72
C ARG C 174 -13.04 16.93 -16.59
N LYS C 175 -12.82 15.66 -16.93
CA LYS C 175 -13.70 14.89 -17.86
C LYS C 175 -15.11 14.82 -17.29
N LYS C 176 -15.24 14.70 -15.97
CA LYS C 176 -16.58 14.53 -15.35
C LYS C 176 -17.32 15.87 -15.42
N TRP C 177 -16.63 17.00 -15.28
CA TRP C 177 -17.26 18.34 -15.39
C TRP C 177 -17.57 18.65 -16.86
N GLU C 178 -16.56 18.49 -17.72
CA GLU C 178 -16.63 18.73 -19.19
C GLU C 178 -17.89 18.08 -19.75
N ASP C 179 -18.28 16.91 -19.24
CA ASP C 179 -19.49 16.18 -19.68
C ASP C 179 -20.73 16.93 -19.17
N ILE C 180 -20.78 17.22 -17.87
CA ILE C 180 -21.91 18.03 -17.31
C ILE C 180 -22.10 19.25 -18.23
N LEU C 181 -21.02 19.96 -18.55
CA LEU C 181 -21.08 21.17 -19.41
C LEU C 181 -21.58 20.78 -20.81
N HIS C 182 -20.84 19.90 -21.50
CA HIS C 182 -21.12 19.47 -22.89
C HIS C 182 -22.59 19.08 -23.02
N TYR C 183 -23.17 18.41 -22.01
CA TYR C 183 -24.62 18.09 -21.98
C TYR C 183 -25.38 19.41 -22.12
N VAL C 184 -25.24 20.31 -21.15
CA VAL C 184 -25.96 21.61 -21.12
C VAL C 184 -25.80 22.27 -22.49
N VAL C 185 -24.57 22.31 -22.99
CA VAL C 185 -24.22 23.04 -24.25
C VAL C 185 -25.11 22.54 -25.37
N SER C 186 -25.41 21.24 -25.40
CA SER C 186 -26.20 20.62 -26.49
C SER C 186 -27.56 21.31 -26.54
N SER C 187 -28.11 21.67 -25.38
CA SER C 187 -29.46 22.29 -25.31
C SER C 187 -29.43 23.69 -25.94
N VAL C 188 -28.26 24.24 -26.26
CA VAL C 188 -28.21 25.48 -27.09
C VAL C 188 -28.38 25.03 -28.54
N PRO C 189 -29.46 25.45 -29.24
CA PRO C 189 -29.72 24.98 -30.60
C PRO C 189 -28.70 25.51 -31.61
N VAL C 190 -27.56 24.83 -31.74
CA VAL C 190 -26.58 25.00 -32.86
C VAL C 190 -25.87 23.66 -33.08
N GLY C 202 -22.15 8.72 -24.18
CA GLY C 202 -21.68 8.65 -22.78
C GLY C 202 -22.39 9.67 -21.91
N GLY C 203 -21.79 10.86 -21.76
CA GLY C 203 -22.36 12.01 -21.02
C GLY C 203 -22.46 11.75 -19.52
N PRO C 204 -23.15 12.62 -18.76
CA PRO C 204 -23.29 12.48 -17.31
C PRO C 204 -24.41 11.54 -16.85
N LYS C 205 -24.25 10.94 -15.67
CA LYS C 205 -25.18 9.94 -15.10
C LYS C 205 -26.57 10.59 -14.94
N ALA C 206 -27.63 9.80 -15.17
CA ALA C 206 -29.04 10.22 -15.02
C ALA C 206 -29.14 11.24 -13.88
N SER C 207 -28.64 10.88 -12.70
CA SER C 207 -28.79 11.67 -11.47
C SER C 207 -28.59 13.15 -11.81
N VAL C 208 -27.51 13.46 -12.54
CA VAL C 208 -27.16 14.86 -12.92
C VAL C 208 -28.24 15.41 -13.87
N LYS C 209 -28.46 14.73 -14.99
CA LYS C 209 -29.45 15.11 -16.02
C LYS C 209 -30.77 15.46 -15.32
N ASP C 210 -31.34 14.54 -14.54
CA ASP C 210 -32.63 14.74 -13.84
C ASP C 210 -32.56 16.04 -13.02
N LEU C 211 -31.41 16.30 -12.40
CA LEU C 211 -31.18 17.44 -11.47
C LEU C 211 -31.15 18.77 -12.25
N LEU C 212 -30.35 18.83 -13.32
CA LEU C 212 -30.27 19.98 -14.27
C LEU C 212 -31.67 20.36 -14.77
N LEU C 213 -32.51 19.35 -14.98
CA LEU C 213 -33.94 19.49 -15.42
C LEU C 213 -34.74 20.05 -14.25
N ALA C 214 -34.71 19.35 -13.11
CA ALA C 214 -35.42 19.72 -11.87
C ALA C 214 -35.10 21.19 -11.54
N GLY C 215 -33.90 21.64 -11.91
CA GLY C 215 -33.35 22.95 -11.55
C GLY C 215 -33.46 23.94 -12.67
N ARG C 216 -33.93 23.48 -13.84
CA ARG C 216 -34.36 24.34 -14.98
C ARG C 216 -33.13 25.00 -15.61
N LEU C 217 -31.96 24.35 -15.48
CA LEU C 217 -30.77 24.72 -16.28
C LEU C 217 -31.00 24.19 -17.70
N VAL C 218 -32.03 23.38 -17.85
CA VAL C 218 -32.46 22.74 -19.12
C VAL C 218 -33.99 22.65 -19.07
N GLU C 219 -34.67 22.69 -20.20
CA GLU C 219 -36.13 22.44 -20.33
C GLU C 219 -36.33 21.36 -21.40
N ARG C 220 -37.36 20.53 -21.23
CA ARG C 220 -37.70 19.39 -22.13
C ARG C 220 -38.34 19.94 -23.41
N ARG C 221 -37.54 20.21 -24.46
CA ARG C 221 -37.98 20.28 -25.87
C ARG C 221 -38.11 18.85 -26.42
N PRO C 222 -39.29 18.20 -26.29
CA PRO C 222 -39.47 16.83 -26.79
C PRO C 222 -39.47 16.77 -28.32
N ASP C 223 -39.26 17.91 -28.98
CA ASP C 223 -39.34 18.05 -30.46
C ASP C 223 -37.93 18.17 -31.05
N THR C 224 -36.89 18.13 -30.21
CA THR C 224 -35.46 18.25 -30.63
C THR C 224 -34.73 16.90 -30.61
N LYS C 225 -33.70 16.78 -31.43
CA LYS C 225 -32.76 15.63 -31.46
C LYS C 225 -32.21 15.36 -30.05
N THR C 226 -32.33 16.34 -29.15
CA THR C 226 -31.80 16.32 -27.76
C THR C 226 -32.93 16.13 -26.75
N GLY C 227 -34.17 16.48 -27.10
CA GLY C 227 -35.29 16.43 -26.15
C GLY C 227 -35.22 17.53 -25.10
N ILE C 228 -34.36 18.55 -25.29
CA ILE C 228 -33.92 19.45 -24.18
C ILE C 228 -33.37 20.77 -24.71
N GLY C 229 -33.92 21.90 -24.22
CA GLY C 229 -33.58 23.29 -24.64
C GLY C 229 -32.95 24.10 -23.51
N ILE C 230 -32.00 24.98 -23.83
CA ILE C 230 -31.24 25.81 -22.85
C ILE C 230 -32.18 26.87 -22.24
N THR C 231 -32.23 26.93 -20.92
CA THR C 231 -32.91 27.99 -20.13
C THR C 231 -31.94 29.17 -20.01
N GLN C 232 -32.34 30.25 -19.32
CA GLN C 232 -31.43 31.37 -18.97
C GLN C 232 -30.43 30.83 -17.95
N ALA C 233 -30.91 30.19 -16.87
CA ALA C 233 -30.06 29.69 -15.76
C ALA C 233 -28.94 28.84 -16.35
N GLY C 234 -29.28 27.86 -17.18
CA GLY C 234 -28.30 27.00 -17.88
C GLY C 234 -27.21 27.84 -18.49
N PHE C 235 -27.60 28.94 -19.13
CA PHE C 235 -26.64 29.91 -19.69
C PHE C 235 -25.83 30.53 -18.57
N THR C 236 -26.46 31.07 -17.51
CA THR C 236 -25.68 31.85 -16.52
C THR C 236 -24.63 30.85 -16.00
N PHE C 237 -25.07 29.67 -15.54
CA PHE C 237 -24.23 28.48 -15.25
C PHE C 237 -23.06 28.38 -16.23
N LEU C 238 -23.32 28.24 -17.53
CA LEU C 238 -22.25 27.98 -18.53
C LEU C 238 -21.23 29.10 -18.45
N LEU C 239 -21.69 30.34 -18.20
CA LEU C 239 -20.80 31.54 -18.21
C LEU C 239 -20.16 31.76 -16.83
N GLN C 240 -20.67 31.14 -15.75
CA GLN C 240 -20.08 31.20 -14.39
C GLN C 240 -18.60 30.75 -14.44
N GLU C 241 -17.80 31.17 -13.46
CA GLU C 241 -16.45 30.63 -13.17
C GLU C 241 -16.61 29.23 -12.55
N ALA C 242 -15.65 28.34 -12.83
CA ALA C 242 -15.69 26.91 -12.48
C ALA C 242 -16.25 26.70 -11.07
N ASN C 243 -15.78 27.45 -10.09
CA ASN C 243 -16.18 27.24 -8.67
C ASN C 243 -17.67 27.53 -8.53
N ALA C 244 -18.09 28.69 -9.05
CA ALA C 244 -19.51 29.08 -9.13
C ALA C 244 -20.30 27.96 -9.82
N GLN C 245 -19.81 27.49 -10.98
CA GLN C 245 -20.41 26.34 -11.70
C GLN C 245 -20.62 25.21 -10.68
N VAL C 246 -19.58 24.84 -9.95
CA VAL C 246 -19.70 23.69 -8.99
C VAL C 246 -20.72 24.01 -7.91
N TRP C 247 -20.76 25.25 -7.41
CA TRP C 247 -21.71 25.59 -6.32
C TRP C 247 -23.14 25.51 -6.86
N THR C 248 -23.40 26.07 -8.05
CA THR C 248 -24.78 26.05 -8.63
C THR C 248 -25.38 24.65 -8.43
N LEU C 249 -24.71 23.67 -9.04
CA LEU C 249 -25.06 22.23 -8.96
C LEU C 249 -25.32 21.88 -7.49
N LEU C 250 -24.37 22.13 -6.59
CA LEU C 250 -24.50 21.68 -5.19
C LEU C 250 -25.78 22.27 -4.60
N LEU C 251 -26.08 23.53 -4.93
CA LEU C 251 -27.28 24.25 -4.42
C LEU C 251 -28.51 23.55 -4.98
N LEU C 252 -28.51 23.22 -6.28
CA LEU C 252 -29.63 22.42 -6.86
C LEU C 252 -29.79 21.09 -6.10
N TRP C 253 -28.70 20.32 -5.98
CA TRP C 253 -28.63 19.01 -5.29
C TRP C 253 -29.21 19.13 -3.88
N LEU C 254 -28.79 20.15 -3.14
CA LEU C 254 -29.31 20.47 -1.78
C LEU C 254 -30.82 20.71 -1.89
N GLU C 255 -31.22 21.73 -2.66
CA GLU C 255 -32.65 22.19 -2.70
C GLU C 255 -33.54 20.99 -3.04
N ALA C 256 -33.12 20.13 -3.99
CA ALA C 256 -33.85 18.88 -4.36
C ALA C 256 -34.32 18.14 -3.10
N ALA C 257 -33.43 18.02 -2.11
CA ALA C 257 -33.67 17.31 -0.83
C ALA C 257 -34.76 18.03 -0.03
N ASP C 258 -34.73 19.37 -0.02
CA ASP C 258 -35.74 20.20 0.70
C ASP C 258 -37.09 20.06 -0.02
N GLN C 259 -37.09 20.13 -1.36
CA GLN C 259 -38.31 19.90 -2.19
C GLN C 259 -38.88 18.50 -1.88
N ALA C 260 -38.01 17.48 -1.84
CA ALA C 260 -38.37 16.07 -1.55
C ALA C 260 -38.99 15.98 -0.14
N LYS C 261 -38.25 16.48 0.87
CA LYS C 261 -38.68 16.55 2.29
C LYS C 261 -40.05 17.21 2.39
N ALA C 262 -40.22 18.41 1.81
CA ALA C 262 -41.48 19.17 1.78
C ALA C 262 -42.58 18.31 1.16
N ALA C 263 -42.30 17.73 -0.03
CA ALA C 263 -43.23 16.86 -0.79
C ALA C 263 -43.69 15.68 0.08
N ALA C 264 -42.77 15.06 0.82
CA ALA C 264 -43.06 13.93 1.75
C ALA C 264 -44.08 14.39 2.81
N LYS C 279 -32.94 9.34 4.95
CA LYS C 279 -33.51 10.71 4.79
C LYS C 279 -32.43 11.75 5.11
N PRO C 280 -31.43 11.93 4.21
CA PRO C 280 -30.37 12.92 4.42
C PRO C 280 -30.91 14.36 4.37
N ASP C 281 -30.36 15.24 5.20
CA ASP C 281 -30.85 16.63 5.43
C ASP C 281 -29.80 17.63 4.93
N SER C 282 -30.27 18.72 4.31
CA SER C 282 -29.47 19.73 3.58
C SER C 282 -28.33 20.27 4.44
N ILE C 283 -28.51 20.34 5.76
CA ILE C 283 -27.48 20.81 6.72
C ILE C 283 -26.40 19.71 6.83
N GLU C 284 -26.82 18.46 7.06
CA GLU C 284 -25.89 17.30 7.13
C GLU C 284 -25.13 17.23 5.80
N MET C 285 -25.83 17.42 4.68
CA MET C 285 -25.24 17.51 3.32
C MET C 285 -24.18 18.62 3.31
N LEU C 286 -24.62 19.87 3.45
CA LEU C 286 -23.75 21.07 3.37
C LEU C 286 -22.50 20.81 4.23
N SER C 287 -22.70 20.49 5.51
CA SER C 287 -21.59 20.19 6.46
C SER C 287 -20.54 19.34 5.74
N PHE C 288 -20.96 18.20 5.16
CA PHE C 288 -20.05 17.25 4.46
C PHE C 288 -19.19 18.06 3.48
N LEU C 289 -19.82 18.80 2.57
CA LEU C 289 -19.10 19.62 1.57
C LEU C 289 -18.09 20.49 2.33
N PHE C 290 -18.53 21.15 3.40
CA PHE C 290 -17.68 22.05 4.21
C PHE C 290 -16.45 21.28 4.73
N MET C 291 -16.61 19.99 5.09
CA MET C 291 -15.43 19.12 5.37
C MET C 291 -14.64 18.93 4.08
N LEU C 292 -15.20 18.18 3.12
CA LEU C 292 -14.53 17.87 1.82
C LEU C 292 -13.61 19.03 1.47
N ALA C 293 -14.12 20.26 1.44
CA ALA C 293 -13.39 21.47 1.01
C ALA C 293 -12.11 21.64 1.83
N SER C 294 -12.08 21.21 3.10
CA SER C 294 -10.89 21.30 3.98
C SER C 294 -9.88 20.18 3.70
N LEU C 295 -10.32 19.04 3.15
CA LEU C 295 -9.45 17.84 2.91
C LEU C 295 -8.30 18.24 1.98
N GLU C 296 -7.28 17.39 1.86
CA GLU C 296 -6.06 17.68 1.07
C GLU C 296 -6.12 16.91 -0.26
N LEU C 297 -6.05 17.63 -1.38
CA LEU C 297 -6.06 17.05 -2.75
C LEU C 297 -4.90 16.05 -2.84
N GLY C 298 -5.16 14.85 -3.36
CA GLY C 298 -4.11 13.84 -3.63
C GLY C 298 -4.01 12.81 -2.51
N ARG C 299 -4.33 13.22 -1.27
CA ARG C 299 -4.42 12.28 -0.11
C ARG C 299 -5.69 11.45 -0.26
N ALA C 300 -5.78 10.38 0.52
CA ALA C 300 -6.93 9.44 0.58
C ALA C 300 -7.52 9.46 1.99
N TYR C 301 -8.80 9.12 2.12
CA TYR C 301 -9.57 9.31 3.37
C TYR C 301 -10.47 8.08 3.55
N ASP C 302 -10.76 7.76 4.81
CA ASP C 302 -11.36 6.46 5.23
C ASP C 302 -12.88 6.59 5.25
N THR C 303 -13.58 5.71 4.52
CA THR C 303 -15.06 5.74 4.39
C THR C 303 -15.72 5.30 5.70
N ASP C 304 -15.02 4.51 6.53
CA ASP C 304 -15.54 4.01 7.83
C ASP C 304 -15.60 5.14 8.86
N ALA C 305 -14.76 6.17 8.73
CA ALA C 305 -14.81 7.37 9.58
C ALA C 305 -16.11 8.14 9.35
N LEU C 306 -16.72 8.02 8.17
CA LEU C 306 -17.97 8.74 7.79
C LEU C 306 -19.16 8.15 8.54
N SER C 307 -20.11 9.01 8.92
CA SER C 307 -21.46 8.59 9.39
C SER C 307 -22.25 7.96 8.24
N GLU C 308 -23.28 7.20 8.60
CA GLU C 308 -24.14 6.44 7.64
C GLU C 308 -24.72 7.39 6.59
N THR C 309 -25.38 8.48 7.02
CA THR C 309 -26.08 9.45 6.11
C THR C 309 -25.05 10.14 5.21
N ARG C 310 -23.80 10.31 5.69
CA ARG C 310 -22.69 10.88 4.89
C ARG C 310 -22.24 9.85 3.85
N ARG C 311 -21.93 8.62 4.30
CA ARG C 311 -21.52 7.53 3.37
C ARG C 311 -22.46 7.57 2.15
N ASN C 312 -23.76 7.57 2.45
CA ASN C 312 -24.89 7.50 1.48
C ASN C 312 -24.82 8.61 0.44
N MET C 313 -24.19 9.75 0.75
CA MET C 313 -24.09 10.89 -0.19
C MET C 313 -23.13 10.53 -1.33
N LEU C 314 -22.09 9.71 -1.05
CA LEU C 314 -20.89 9.59 -1.92
C LEU C 314 -21.28 9.48 -3.39
N PRO C 315 -22.11 8.48 -3.78
CA PRO C 315 -22.61 8.38 -5.14
C PRO C 315 -22.80 9.75 -5.81
N ALA C 316 -23.66 10.63 -5.28
CA ALA C 316 -24.01 11.92 -5.93
C ALA C 316 -22.73 12.72 -6.19
N LEU C 317 -21.85 12.73 -5.18
CA LEU C 317 -20.58 13.49 -5.21
C LEU C 317 -19.59 12.76 -6.13
N VAL C 318 -19.74 11.45 -6.31
CA VAL C 318 -18.91 10.73 -7.32
C VAL C 318 -19.39 11.20 -8.69
N ASP C 319 -20.70 11.08 -8.95
CA ASP C 319 -21.35 11.62 -10.17
C ASP C 319 -20.77 13.01 -10.44
N PHE C 320 -20.94 13.97 -9.52
CA PHE C 320 -20.53 15.39 -9.75
C PHE C 320 -19.02 15.55 -10.01
N GLY C 321 -18.21 14.50 -9.83
CA GLY C 321 -16.75 14.59 -10.01
C GLY C 321 -16.04 15.12 -8.76
N LEU C 322 -16.75 15.23 -7.63
CA LEU C 322 -16.22 15.83 -6.37
C LEU C 322 -15.29 14.80 -5.67
N ILE C 323 -15.59 13.51 -5.81
CA ILE C 323 -14.88 12.38 -5.12
C ILE C 323 -14.53 11.28 -6.14
N TYR C 324 -13.37 10.67 -5.98
CA TYR C 324 -12.91 9.44 -6.69
C TYR C 324 -12.82 8.28 -5.70
N ILE C 325 -13.39 7.15 -6.14
CA ILE C 325 -13.45 5.82 -5.47
C ILE C 325 -13.09 4.79 -6.52
N PRO C 326 -12.01 3.98 -6.36
CA PRO C 326 -11.72 2.88 -7.28
C PRO C 326 -12.97 2.04 -7.59
N ARG C 327 -12.96 1.32 -8.71
CA ARG C 327 -14.15 0.63 -9.28
C ARG C 327 -14.41 -0.68 -8.54
N GLU C 328 -13.35 -1.35 -8.05
CA GLU C 328 -13.43 -2.69 -7.41
C GLU C 328 -13.44 -2.53 -5.89
N ASP C 329 -12.42 -1.86 -5.34
CA ASP C 329 -12.35 -1.42 -3.92
C ASP C 329 -13.44 -0.36 -3.69
N THR C 330 -13.91 -0.21 -2.46
CA THR C 330 -14.76 0.92 -2.00
C THR C 330 -14.37 1.27 -0.56
N ARG C 331 -13.10 1.08 -0.19
CA ARG C 331 -12.61 1.22 1.20
C ARG C 331 -12.32 2.71 1.47
N GLN C 332 -11.53 3.33 0.59
CA GLN C 332 -10.96 4.68 0.79
C GLN C 332 -11.43 5.61 -0.34
N TYR C 333 -11.80 6.86 -0.01
CA TYR C 333 -12.29 7.89 -0.96
C TYR C 333 -11.24 8.99 -1.09
N PHE C 334 -11.13 9.60 -2.27
CA PHE C 334 -10.22 10.75 -2.55
C PHE C 334 -11.03 11.94 -3.04
N PRO C 335 -10.94 13.15 -2.43
CA PRO C 335 -11.63 14.32 -2.98
C PRO C 335 -10.84 14.90 -4.16
N THR C 336 -11.53 15.48 -5.16
CA THR C 336 -10.90 16.17 -6.31
C THR C 336 -10.70 17.67 -6.03
N ARG C 337 -9.98 18.39 -6.87
CA ARG C 337 -9.88 19.87 -6.79
C ARG C 337 -11.27 20.45 -6.57
N LEU C 338 -12.23 20.03 -7.42
CA LEU C 338 -13.64 20.50 -7.41
C LEU C 338 -14.18 20.48 -5.98
N ALA C 339 -13.63 19.62 -5.12
CA ALA C 339 -13.97 19.55 -3.68
C ALA C 339 -13.06 20.48 -2.86
N THR C 340 -11.74 20.35 -3.00
CA THR C 340 -10.74 20.95 -2.08
C THR C 340 -10.73 22.48 -2.26
N THR C 341 -10.84 22.96 -3.49
CA THR C 341 -10.85 24.41 -3.81
C THR C 341 -12.27 24.97 -3.71
N LEU C 342 -13.21 24.27 -3.08
CA LEU C 342 -14.64 24.70 -3.01
C LEU C 342 -14.70 26.13 -2.49
N THR C 343 -13.86 26.48 -1.52
CA THR C 343 -13.87 27.78 -0.78
C THR C 343 -12.55 28.54 -0.98
N SER C 344 -12.40 29.32 -2.07
CA SER C 344 -11.22 30.18 -2.32
C SER C 344 -11.55 31.28 -3.35
N TYR D 36 6.35 33.33 33.45
CA TYR D 36 7.46 33.35 34.45
C TYR D 36 8.75 32.81 33.82
N GLN D 37 8.72 31.60 33.26
CA GLN D 37 9.93 30.83 32.85
C GLN D 37 10.17 30.99 31.33
N LEU D 38 9.20 30.61 30.50
CA LEU D 38 9.29 30.68 29.02
C LEU D 38 9.62 32.12 28.60
N SER D 39 8.91 33.09 29.17
CA SER D 39 9.15 34.55 29.00
C SER D 39 10.62 34.89 29.29
N ASP D 40 11.10 34.55 30.49
CA ASP D 40 12.51 34.78 30.93
C ASP D 40 13.45 34.14 29.91
N TYR D 41 13.21 32.88 29.52
CA TYR D 41 14.03 32.15 28.51
C TYR D 41 14.07 32.96 27.21
N LEU D 42 12.90 33.36 26.71
CA LEU D 42 12.73 34.09 25.42
C LEU D 42 13.46 35.43 25.47
N GLU D 43 13.29 36.19 26.57
CA GLU D 43 13.89 37.54 26.75
C GLU D 43 15.42 37.48 26.57
N LYS D 44 16.02 36.29 26.65
CA LYS D 44 17.49 36.05 26.51
C LYS D 44 17.88 35.73 25.05
N LEU D 45 16.93 35.37 24.18
CA LEU D 45 17.21 34.83 22.82
C LEU D 45 17.68 35.96 21.90
N PRO D 46 18.73 35.74 21.06
CA PRO D 46 19.20 36.75 20.12
C PRO D 46 18.35 36.82 18.85
N GLY D 47 18.07 38.04 18.35
CA GLY D 47 17.23 38.31 17.17
C GLY D 47 17.26 37.18 16.15
N THR D 48 18.48 36.79 15.72
CA THR D 48 18.75 35.78 14.66
C THR D 48 17.90 34.52 14.89
N THR D 49 17.75 34.07 16.13
CA THR D 49 16.93 32.88 16.48
C THR D 49 15.44 33.22 16.27
N PHE D 50 14.97 34.35 16.82
CA PHE D 50 13.55 34.79 16.74
C PHE D 50 13.06 34.66 15.29
N ARG D 51 13.82 35.20 14.35
CA ARG D 51 13.45 35.24 12.90
C ARG D 51 13.44 33.81 12.34
N LYS D 52 14.28 32.91 12.84
CA LYS D 52 14.26 31.47 12.46
C LYS D 52 12.99 30.82 13.01
N LEU D 53 12.68 31.11 14.27
CA LEU D 53 11.46 30.63 14.98
C LEU D 53 10.20 31.13 14.25
N TYR D 54 10.25 32.34 13.70
CA TYR D 54 9.12 32.99 12.98
C TYR D 54 9.21 32.71 11.48
N GLN D 55 9.88 31.63 11.08
CA GLN D 55 9.66 30.98 9.75
C GLN D 55 8.43 30.07 9.86
N GLN D 56 7.89 29.91 11.08
CA GLN D 56 6.94 28.84 11.46
C GLN D 56 5.64 29.45 11.99
N PRO D 57 4.54 29.41 11.21
CA PRO D 57 3.26 29.94 11.67
C PRO D 57 2.90 29.52 13.11
N SER D 58 2.60 28.23 13.32
CA SER D 58 2.24 27.65 14.63
C SER D 58 3.01 28.34 15.76
N SER D 59 4.33 28.53 15.59
CA SER D 59 5.21 29.23 16.57
C SER D 59 4.69 30.64 16.81
N ALA D 60 4.81 31.50 15.78
CA ALA D 60 4.44 32.93 15.79
C ALA D 60 3.04 33.07 16.39
N PHE D 61 2.11 32.23 15.91
CA PHE D 61 0.68 32.24 16.28
C PHE D 61 0.52 31.80 17.74
N ALA D 62 1.36 30.87 18.20
CA ALA D 62 1.37 30.34 19.59
C ALA D 62 1.85 31.44 20.55
N ILE D 63 3.05 31.95 20.29
CA ILE D 63 3.60 33.14 21.01
C ILE D 63 2.52 34.22 21.04
N PHE D 64 2.17 34.76 19.86
CA PHE D 64 1.08 35.76 19.70
C PHE D 64 -0.06 35.40 20.66
N ARG D 65 -0.63 34.21 20.49
CA ARG D 65 -1.82 33.74 21.24
C ARG D 65 -1.58 33.87 22.74
N ARG D 66 -0.45 33.36 23.24
CA ARG D 66 -0.33 33.00 24.68
C ARG D 66 0.97 33.57 25.29
N MET D 67 1.39 34.77 24.86
CA MET D 67 2.46 35.57 25.50
C MET D 67 2.04 37.04 25.49
N LEU D 68 1.85 37.62 24.30
CA LEU D 68 1.37 39.01 24.09
C LEU D 68 0.09 39.23 24.90
N PRO D 69 0.00 40.29 25.73
CA PRO D 69 -1.21 40.58 26.50
C PRO D 69 -2.34 41.18 25.67
N PRO D 70 -3.60 41.10 26.16
CA PRO D 70 -4.79 41.49 25.41
C PRO D 70 -4.61 42.71 24.47
N LEU D 71 -3.89 43.73 24.95
CA LEU D 71 -3.68 45.02 24.24
C LEU D 71 -2.65 44.82 23.12
N ALA D 72 -1.49 44.24 23.45
CA ALA D 72 -0.37 43.97 22.52
C ALA D 72 -0.92 43.28 21.27
N LYS D 73 -1.73 42.24 21.45
CA LYS D 73 -2.48 41.58 20.35
C LYS D 73 -3.12 42.67 19.49
N VAL D 74 -4.06 43.42 20.08
CA VAL D 74 -4.87 44.48 19.39
C VAL D 74 -3.92 45.36 18.59
N PHE D 75 -2.83 45.83 19.22
CA PHE D 75 -1.83 46.73 18.60
C PHE D 75 -1.19 46.03 17.38
N VAL D 76 -0.82 44.76 17.52
CA VAL D 76 -0.10 43.95 16.49
C VAL D 76 -1.04 43.62 15.32
N GLN D 77 -2.33 43.37 15.60
CA GLN D 77 -3.34 43.02 14.57
C GLN D 77 -3.38 44.15 13.53
N ALA D 78 -3.81 45.34 13.95
CA ALA D 78 -3.79 46.60 13.17
C ALA D 78 -2.45 46.73 12.43
N LEU D 79 -1.35 46.66 13.18
CA LEU D 79 0.04 46.78 12.65
C LEU D 79 0.25 45.84 11.46
N LEU D 80 -0.21 44.59 11.56
CA LEU D 80 -0.04 43.58 10.47
C LEU D 80 -0.93 43.94 9.27
N TYR D 81 -2.03 44.66 9.52
CA TYR D 81 -3.10 44.97 8.52
C TYR D 81 -2.77 46.26 7.75
N MET D 82 -2.26 47.28 8.44
CA MET D 82 -2.06 48.66 7.90
C MET D 82 -0.93 48.69 6.88
N PRO D 83 -0.89 49.71 5.98
CA PRO D 83 -0.03 49.67 4.80
C PRO D 83 1.48 49.78 5.09
N GLN D 84 1.93 50.91 5.66
CA GLN D 84 3.36 51.27 5.84
C GLN D 84 3.64 51.45 7.34
N PRO D 85 4.93 51.56 7.75
CA PRO D 85 5.27 51.82 9.15
C PRO D 85 4.60 53.14 9.59
N MET D 86 3.41 53.02 10.19
CA MET D 86 2.45 54.13 10.42
C MET D 86 2.93 54.99 11.59
N LEU D 87 2.06 55.91 12.05
CA LEU D 87 2.36 56.93 13.08
C LEU D 87 2.03 56.37 14.47
N LEU D 88 2.92 56.60 15.43
CA LEU D 88 2.76 56.28 16.88
C LEU D 88 1.43 56.83 17.39
N SER D 89 1.14 58.10 17.08
CA SER D 89 -0.09 58.84 17.46
C SER D 89 -1.34 58.08 17.00
N ASP D 90 -1.32 57.47 15.80
CA ASP D 90 -2.42 56.66 15.25
C ASP D 90 -2.58 55.41 16.13
N LEU D 91 -1.46 54.81 16.58
CA LEU D 91 -1.45 53.68 17.54
C LEU D 91 -2.04 54.14 18.88
N ASP D 92 -1.74 55.37 19.31
CA ASP D 92 -2.33 56.00 20.52
C ASP D 92 -3.85 56.14 20.33
N VAL D 93 -4.28 56.59 19.15
CA VAL D 93 -5.72 56.66 18.76
C VAL D 93 -6.32 55.24 18.79
N TRP D 94 -5.53 54.22 18.41
CA TRP D 94 -5.90 52.79 18.56
C TRP D 94 -6.07 52.43 20.04
N VAL D 95 -5.15 52.90 20.90
CA VAL D 95 -5.09 52.57 22.36
C VAL D 95 -6.46 52.86 22.99
N ARG D 96 -6.83 54.14 23.17
CA ARG D 96 -8.08 54.57 23.84
C ARG D 96 -8.06 53.99 25.26
N PRO D 97 -9.14 53.34 25.81
CA PRO D 97 -9.05 52.78 27.16
C PRO D 97 -8.29 51.44 27.18
N ALA D 106 -5.86 52.54 30.68
CA ALA D 106 -4.69 53.24 30.09
C ALA D 106 -3.42 53.00 30.93
N LEU D 107 -3.35 51.89 31.68
CA LEU D 107 -2.23 51.52 32.58
C LEU D 107 -1.13 50.82 31.77
N SER D 108 -1.49 49.81 30.99
CA SER D 108 -0.58 48.84 30.33
C SER D 108 0.00 49.42 29.02
N ILE D 109 -0.43 50.63 28.64
CA ILE D 109 0.00 51.36 27.40
C ILE D 109 1.52 51.29 27.28
N LEU D 110 2.25 51.45 28.39
CA LEU D 110 3.73 51.39 28.46
C LEU D 110 4.19 49.92 28.39
N ARG D 111 3.78 49.11 29.37
CA ARG D 111 4.20 47.68 29.51
C ARG D 111 4.09 46.96 28.16
N SER D 112 2.95 47.13 27.47
CA SER D 112 2.65 46.52 26.14
C SER D 112 3.78 46.84 25.14
N LEU D 113 4.31 48.07 25.17
CA LEU D 113 5.39 48.54 24.26
C LEU D 113 6.65 47.69 24.49
N HIS D 114 7.02 47.44 25.75
CA HIS D 114 8.20 46.64 26.17
C HIS D 114 8.10 45.20 25.64
N ILE D 115 7.03 44.50 26.03
CA ILE D 115 6.79 43.06 25.67
C ILE D 115 6.96 42.92 24.16
N VAL D 116 6.30 43.80 23.37
CA VAL D 116 6.45 43.89 21.89
C VAL D 116 7.92 44.17 21.55
N GLN D 117 8.55 45.14 22.23
CA GLN D 117 9.94 45.59 21.93
C GLN D 117 10.93 44.41 22.04
N ILE D 118 10.81 43.58 23.09
CA ILE D 118 11.85 42.55 23.42
C ILE D 118 11.77 41.34 22.47
N THR D 119 10.58 40.76 22.26
CA THR D 119 10.38 39.40 21.68
C THR D 119 10.46 39.41 20.16
N PRO D 120 9.54 40.07 19.42
CA PRO D 120 9.41 39.87 17.97
C PRO D 120 10.54 40.50 17.16
N VAL D 129 7.09 52.40 12.90
CA VAL D 129 7.05 51.15 13.70
C VAL D 129 6.74 49.98 12.75
N GLN D 130 7.77 49.23 12.35
CA GLN D 130 7.71 48.12 11.36
C GLN D 130 7.47 46.79 12.08
N LEU D 131 6.98 45.79 11.36
CA LEU D 131 6.97 44.35 11.76
C LEU D 131 7.93 43.59 10.85
N THR D 132 8.67 42.60 11.40
CA THR D 132 9.65 41.78 10.64
C THR D 132 8.89 40.89 9.66
N THR D 133 9.26 40.98 8.38
CA THR D 133 8.72 40.15 7.26
C THR D 133 8.36 38.78 7.83
N ASN D 134 9.37 38.00 8.26
CA ASN D 134 9.21 36.62 8.79
C ASN D 134 7.97 36.54 9.69
N PHE D 135 7.90 37.40 10.72
CA PHE D 135 6.78 37.40 11.70
C PHE D 135 5.47 37.70 10.98
N ARG D 136 5.45 38.76 10.15
CA ARG D 136 4.24 39.17 9.38
C ARG D 136 3.74 37.97 8.57
N ASN D 137 4.57 37.49 7.64
CA ASN D 137 4.32 36.35 6.71
C ASN D 137 3.84 35.15 7.51
N SER D 138 4.59 34.74 8.55
CA SER D 138 4.25 33.58 9.42
C SER D 138 2.86 33.78 10.04
N LEU D 139 2.62 34.92 10.72
CA LEU D 139 1.37 35.18 11.48
C LEU D 139 0.17 35.26 10.51
N ARG D 140 0.36 35.90 9.35
CA ARG D 140 -0.68 36.06 8.30
C ARG D 140 -1.22 34.68 7.92
N LEU D 141 -0.36 33.81 7.36
CA LEU D 141 -0.69 32.43 6.96
C LEU D 141 -1.50 31.76 8.07
N ALA D 142 -1.04 31.89 9.31
CA ALA D 142 -1.67 31.32 10.53
C ALA D 142 -3.11 31.85 10.66
N LEU D 143 -3.26 33.17 10.72
CA LEU D 143 -4.59 33.84 10.90
C LEU D 143 -5.51 33.55 9.69
N GLU D 144 -4.95 33.24 8.52
CA GLU D 144 -5.71 32.90 7.29
C GLU D 144 -5.86 31.37 7.17
N GLY D 145 -5.44 30.60 8.19
CA GLY D 145 -5.51 29.13 8.19
C GLY D 145 -4.94 28.52 6.91
N GLY D 146 -3.86 29.10 6.39
CA GLY D 146 -3.16 28.65 5.17
C GLY D 146 -1.75 28.16 5.48
N ALA D 147 -1.56 27.46 6.59
CA ALA D 147 -0.29 26.80 6.99
C ALA D 147 -0.25 25.39 6.40
N ALA D 148 0.94 24.86 6.14
CA ALA D 148 1.18 23.49 5.63
C ALA D 148 0.20 22.52 6.32
N HIS D 149 -0.52 21.71 5.55
CA HIS D 149 -1.54 20.74 6.05
C HIS D 149 -0.87 19.75 7.00
N ASN D 150 0.38 19.37 6.69
CA ASN D 150 1.12 18.26 7.33
C ASN D 150 2.04 18.80 8.44
N SER D 151 1.80 20.02 8.92
CA SER D 151 2.58 20.70 9.99
C SER D 151 1.83 20.63 11.32
N PHE D 152 0.61 20.08 11.32
CA PHE D 152 -0.27 19.91 12.51
C PHE D 152 -0.25 18.45 12.96
N GLY D 153 -0.78 18.17 14.15
CA GLY D 153 -1.07 16.80 14.60
C GLY D 153 -2.07 16.15 13.67
N VAL D 154 -1.59 15.29 12.75
CA VAL D 154 -2.42 14.49 11.82
C VAL D 154 -3.00 13.33 12.61
N PRO D 155 -4.34 13.30 12.88
CA PRO D 155 -4.94 12.19 13.61
C PRO D 155 -4.78 10.91 12.78
N SER D 156 -4.81 9.74 13.43
CA SER D 156 -4.51 8.43 12.80
C SER D 156 -5.81 7.64 12.60
N SER D 157 -6.00 7.05 11.41
CA SER D 157 -7.19 6.24 11.04
C SER D 157 -7.20 4.90 11.79
N LEU D 158 -6.05 4.44 12.30
CA LEU D 158 -5.91 3.12 12.97
C LEU D 158 -6.88 3.05 14.14
N PRO D 159 -7.43 1.86 14.50
CA PRO D 159 -8.30 1.74 15.66
C PRO D 159 -7.48 2.04 16.92
N VAL D 160 -8.14 2.61 17.93
CA VAL D 160 -7.51 3.03 19.22
C VAL D 160 -7.82 1.97 20.26
N ASP D 161 -6.77 1.33 20.79
CA ASP D 161 -6.88 0.27 21.83
C ASP D 161 -7.87 0.76 22.89
N PRO D 162 -9.02 0.07 23.07
CA PRO D 162 -10.00 0.47 24.09
C PRO D 162 -9.37 0.81 25.45
N ARG D 163 -8.24 0.16 25.79
CA ARG D 163 -7.55 0.26 27.10
C ARG D 163 -6.78 1.58 27.20
N ILE D 164 -6.61 2.34 26.11
CA ILE D 164 -5.93 3.65 26.11
C ILE D 164 -6.96 4.77 26.25
N ASP D 165 -7.37 5.06 27.49
CA ASP D 165 -8.29 6.18 27.83
C ASP D 165 -7.50 7.26 28.60
N ILE D 166 -8.14 8.42 28.74
CA ILE D 166 -7.65 9.60 29.51
C ILE D 166 -7.12 9.13 30.87
N ALA D 167 -7.79 8.16 31.50
CA ALA D 167 -7.39 7.53 32.78
C ALA D 167 -6.01 6.89 32.63
N PHE D 168 -5.84 6.03 31.62
CA PHE D 168 -4.56 5.34 31.32
C PHE D 168 -3.49 6.41 31.05
N LEU D 169 -3.78 7.32 30.12
CA LEU D 169 -2.85 8.41 29.69
C LEU D 169 -2.53 9.35 30.87
N ASP D 170 -3.35 9.35 31.93
CA ASP D 170 -3.09 10.17 33.15
C ASP D 170 -2.26 9.35 34.13
N ASN D 171 -2.64 8.10 34.42
CA ASN D 171 -1.82 7.15 35.24
C ASN D 171 -0.38 7.16 34.70
N TYR D 172 -0.22 6.76 33.44
CA TYR D 172 1.08 6.71 32.71
C TYR D 172 1.92 7.94 33.03
N ALA D 173 1.41 9.12 32.64
CA ALA D 173 2.09 10.43 32.80
C ALA D 173 2.43 10.64 34.28
N ARG D 174 1.39 10.67 35.12
CA ARG D 174 1.47 10.80 36.60
C ARG D 174 2.66 9.99 37.10
N LYS D 175 2.66 8.66 36.92
CA LYS D 175 3.77 7.76 37.36
C LYS D 175 5.11 8.29 36.83
N LYS D 176 5.16 8.51 35.51
CA LYS D 176 6.40 9.00 34.84
C LYS D 176 6.93 10.20 35.64
N TRP D 177 6.09 11.19 35.96
CA TRP D 177 6.55 12.38 36.71
C TRP D 177 6.88 12.02 38.17
N GLU D 178 6.02 11.26 38.85
CA GLU D 178 6.28 10.70 40.19
C GLU D 178 7.74 10.26 40.22
N ASP D 179 8.18 9.42 39.28
CA ASP D 179 9.58 8.90 39.28
C ASP D 179 10.57 10.07 39.31
N ILE D 180 10.54 10.94 38.29
CA ILE D 180 11.42 12.15 38.18
C ILE D 180 11.44 12.90 39.52
N LEU D 181 10.27 13.13 40.12
CA LEU D 181 10.17 13.93 41.38
C LEU D 181 10.84 13.15 42.51
N HIS D 182 10.51 11.86 42.64
CA HIS D 182 11.15 10.90 43.57
C HIS D 182 12.66 11.01 43.43
N TYR D 183 13.18 11.10 42.21
CA TYR D 183 14.65 11.09 42.02
C TYR D 183 15.22 12.33 42.71
N VAL D 184 14.86 13.52 42.22
CA VAL D 184 15.29 14.84 42.78
C VAL D 184 15.01 14.87 44.29
N VAL D 185 13.95 14.21 44.76
CA VAL D 185 13.65 14.11 46.22
C VAL D 185 14.76 13.30 46.90
N SER D 186 15.07 12.11 46.37
CA SER D 186 16.01 11.12 46.95
C SER D 186 17.43 11.69 47.00
N SER D 187 17.64 12.94 46.57
CA SER D 187 18.89 13.71 46.73
C SER D 187 18.80 14.72 47.89
N VAL D 188 17.86 14.54 48.84
CA VAL D 188 17.67 15.54 49.95
C VAL D 188 18.31 14.94 51.20
N PRO D 189 19.41 15.53 51.72
CA PRO D 189 20.09 14.94 52.88
C PRO D 189 19.05 14.31 53.83
N VAL D 190 19.43 13.30 54.61
CA VAL D 190 18.53 12.54 55.54
C VAL D 190 18.96 12.73 57.02
N HIS D 191 19.71 13.75 57.37
CA HIS D 191 20.05 13.87 58.81
C HIS D 191 18.90 13.27 59.60
N GLY D 202 16.20 2.29 40.71
CA GLY D 202 15.44 2.38 39.46
C GLY D 202 15.20 3.82 39.03
N GLY D 203 14.09 4.41 39.46
CA GLY D 203 13.70 5.80 39.15
C GLY D 203 13.61 6.03 37.65
N PRO D 204 13.83 7.27 37.14
CA PRO D 204 13.60 7.59 35.74
C PRO D 204 14.70 7.07 34.80
N LYS D 205 14.65 7.45 33.53
CA LYS D 205 15.64 7.06 32.50
C LYS D 205 16.92 7.86 32.68
N ALA D 206 18.07 7.21 32.41
CA ALA D 206 19.44 7.78 32.51
C ALA D 206 19.51 9.15 31.83
N SER D 207 18.80 9.31 30.71
CA SER D 207 18.82 10.56 29.89
C SER D 207 18.30 11.73 30.72
N VAL D 208 17.41 11.46 31.69
CA VAL D 208 16.76 12.49 32.56
C VAL D 208 17.73 12.87 33.68
N LYS D 209 18.21 11.89 34.43
CA LYS D 209 19.29 12.03 35.44
C LYS D 209 20.35 13.03 34.93
N ASP D 210 20.94 12.72 33.77
CA ASP D 210 22.04 13.52 33.17
C ASP D 210 21.56 14.95 32.90
N LEU D 211 20.29 15.08 32.51
CA LEU D 211 19.68 16.40 32.16
C LEU D 211 19.54 17.21 33.45
N LEU D 212 18.96 16.62 34.51
CA LEU D 212 18.86 17.23 35.86
C LEU D 212 20.26 17.64 36.32
N LEU D 213 21.24 16.74 36.17
CA LEU D 213 22.64 17.05 36.58
C LEU D 213 23.12 18.28 35.81
N ALA D 214 23.06 18.25 34.48
CA ALA D 214 23.43 19.40 33.62
C ALA D 214 22.70 20.68 34.07
N GLY D 215 21.42 20.57 34.42
CA GLY D 215 20.53 21.69 34.80
C GLY D 215 20.89 22.30 36.14
N ARG D 216 21.55 21.52 37.01
CA ARG D 216 22.06 21.96 38.34
C ARG D 216 20.91 22.00 39.36
N LEU D 217 19.85 21.23 39.12
CA LEU D 217 18.79 20.90 40.12
C LEU D 217 19.43 19.92 41.12
N VAL D 218 20.44 19.23 40.62
CA VAL D 218 21.21 18.15 41.29
C VAL D 218 22.70 18.45 41.04
N GLU D 219 23.57 18.16 42.01
CA GLU D 219 25.04 18.31 41.88
C GLU D 219 25.76 17.03 42.30
N ARG D 220 26.83 16.67 41.59
CA ARG D 220 27.73 15.52 41.92
C ARG D 220 28.30 15.74 43.33
N ARG D 221 28.42 14.67 44.12
CA ARG D 221 28.88 14.78 45.53
C ARG D 221 29.69 13.55 45.92
N PRO D 222 30.81 13.74 46.67
CA PRO D 222 31.69 12.64 47.08
C PRO D 222 31.11 11.72 48.17
N ASP D 223 30.45 12.33 49.15
CA ASP D 223 29.90 11.68 50.37
C ASP D 223 28.88 10.59 50.01
N THR D 224 27.98 10.89 49.08
CA THR D 224 26.64 10.24 49.01
C THR D 224 26.70 8.99 48.16
N LYS D 225 25.98 7.94 48.59
CA LYS D 225 25.83 6.66 47.85
C LYS D 225 25.40 6.99 46.41
N THR D 226 24.26 7.67 46.26
CA THR D 226 23.74 8.22 44.97
C THR D 226 24.88 8.79 44.11
N GLY D 227 25.92 9.37 44.73
CA GLY D 227 26.93 10.21 44.05
C GLY D 227 26.39 11.61 43.76
N ILE D 228 25.20 11.95 44.28
CA ILE D 228 24.40 13.13 43.85
C ILE D 228 23.71 13.75 45.06
N GLY D 229 23.59 15.09 45.08
CA GLY D 229 22.88 15.86 46.12
C GLY D 229 22.02 16.97 45.51
N ILE D 230 20.99 17.46 46.22
CA ILE D 230 20.01 18.45 45.69
C ILE D 230 20.62 19.85 45.72
N THR D 231 20.37 20.66 44.70
CA THR D 231 20.72 22.10 44.73
C THR D 231 19.51 22.96 45.14
N GLN D 232 19.81 24.22 45.47
CA GLN D 232 18.81 25.32 45.68
CA GLN D 232 18.80 25.30 45.70
C GLN D 232 17.79 25.28 44.54
N ALA D 233 18.28 25.32 43.31
CA ALA D 233 17.45 25.14 42.10
C ALA D 233 16.53 23.94 42.38
N GLY D 234 17.07 22.72 42.46
CA GLY D 234 16.29 21.50 42.73
C GLY D 234 15.21 21.72 43.77
N PHE D 235 15.55 22.29 44.93
CA PHE D 235 14.56 22.63 45.99
C PHE D 235 13.44 23.50 45.38
N THR D 236 13.82 24.57 44.67
CA THR D 236 12.86 25.49 44.01
C THR D 236 12.00 24.68 43.02
N PHE D 237 12.64 23.93 42.13
CA PHE D 237 12.01 22.99 41.15
C PHE D 237 10.97 22.13 41.85
N LEU D 238 11.28 21.61 43.05
CA LEU D 238 10.34 20.69 43.76
C LEU D 238 9.10 21.43 44.26
N LEU D 239 9.14 22.76 44.35
CA LEU D 239 8.01 23.54 44.95
C LEU D 239 7.10 24.09 43.86
N GLN D 240 7.56 24.05 42.62
CA GLN D 240 6.82 24.60 41.46
C GLN D 240 5.61 23.70 41.15
N GLU D 241 4.54 24.31 40.61
CA GLU D 241 3.33 23.60 40.13
C GLU D 241 3.70 22.76 38.90
N ALA D 242 3.03 21.61 38.74
CA ALA D 242 3.25 20.58 37.70
C ALA D 242 3.51 21.21 36.32
N ASN D 243 2.84 22.31 35.99
CA ASN D 243 3.07 23.00 34.69
C ASN D 243 4.50 23.55 34.70
N ALA D 244 4.75 24.50 35.61
CA ALA D 244 6.07 25.16 35.81
C ALA D 244 7.16 24.09 35.87
N GLN D 245 6.89 22.97 36.55
CA GLN D 245 7.87 21.85 36.68
C GLN D 245 8.22 21.33 35.27
N VAL D 246 7.23 21.07 34.42
CA VAL D 246 7.45 20.50 33.06
C VAL D 246 8.25 21.51 32.21
N TRP D 247 7.87 22.79 32.25
CA TRP D 247 8.58 23.87 31.52
C TRP D 247 10.02 23.96 32.02
N THR D 248 10.24 23.90 33.34
CA THR D 248 11.59 23.97 33.96
C THR D 248 12.46 22.91 33.28
N LEU D 249 11.97 21.67 33.21
CA LEU D 249 12.72 20.53 32.62
C LEU D 249 12.87 20.76 31.10
N LEU D 250 11.78 21.02 30.38
CA LEU D 250 11.79 21.21 28.91
C LEU D 250 12.81 22.29 28.51
N LEU D 251 12.77 23.44 29.19
CA LEU D 251 13.74 24.55 28.99
C LEU D 251 15.17 24.06 29.22
N LEU D 252 15.39 23.17 30.19
CA LEU D 252 16.73 22.55 30.38
C LEU D 252 17.04 21.70 29.15
N TRP D 253 16.16 20.74 28.82
CA TRP D 253 16.24 19.88 27.61
C TRP D 253 16.64 20.71 26.39
N LEU D 254 16.10 21.93 26.26
CA LEU D 254 16.47 22.90 25.21
C LEU D 254 17.92 23.36 25.44
N GLU D 255 18.18 24.04 26.56
CA GLU D 255 19.49 24.70 26.83
C GLU D 255 20.60 23.68 26.58
N ALA D 256 20.43 22.46 27.09
CA ALA D 256 21.31 21.28 26.91
C ALA D 256 21.81 21.18 25.46
N ALA D 257 20.90 21.26 24.49
CA ALA D 257 21.18 21.10 23.05
C ALA D 257 21.96 22.30 22.51
N ASP D 258 21.79 23.49 23.12
CA ASP D 258 22.65 24.68 22.83
C ASP D 258 24.05 24.40 23.40
N GLN D 259 24.12 24.22 24.72
CA GLN D 259 25.36 23.85 25.48
C GLN D 259 26.14 22.77 24.71
N ALA D 260 25.42 21.83 24.07
CA ALA D 260 25.99 20.79 23.18
C ALA D 260 26.50 21.45 21.89
N LYS D 261 25.59 22.03 21.09
CA LYS D 261 25.90 22.66 19.78
C LYS D 261 27.16 23.53 19.93
N ASP D 281 18.02 21.71 16.69
CA ASP D 281 18.24 22.99 17.42
C ASP D 281 17.06 23.24 18.37
N SER D 282 17.26 24.14 19.35
CA SER D 282 16.26 24.50 20.39
C SER D 282 14.95 24.96 19.73
N ILE D 283 15.05 25.68 18.63
CA ILE D 283 13.89 26.33 17.92
C ILE D 283 12.95 25.23 17.44
N GLU D 284 13.50 24.19 16.82
CA GLU D 284 12.75 23.04 16.26
C GLU D 284 12.03 22.31 17.41
N MET D 285 12.77 22.02 18.48
CA MET D 285 12.25 21.39 19.73
C MET D 285 11.09 22.25 20.27
N LEU D 286 11.27 23.57 20.35
CA LEU D 286 10.25 24.49 20.92
C LEU D 286 9.01 24.52 20.01
N SER D 287 9.17 24.85 18.72
CA SER D 287 8.08 24.78 17.71
C SER D 287 7.21 23.57 18.05
N PHE D 288 7.76 22.37 17.88
CA PHE D 288 7.08 21.07 18.09
C PHE D 288 6.26 21.14 19.39
N LEU D 289 6.89 21.59 20.48
CA LEU D 289 6.21 21.67 21.81
C LEU D 289 4.88 22.40 21.62
N PHE D 290 4.92 23.62 21.07
CA PHE D 290 3.71 24.41 20.75
C PHE D 290 2.70 23.50 20.06
N MET D 291 3.11 22.84 18.97
CA MET D 291 2.25 21.90 18.20
C MET D 291 1.51 20.99 19.19
N LEU D 292 2.26 20.35 20.10
CA LEU D 292 1.70 19.28 20.96
C LEU D 292 0.66 19.88 21.90
N ALA D 293 0.72 21.19 22.13
CA ALA D 293 -0.21 21.91 23.03
C ALA D 293 -1.54 22.18 22.31
N SER D 294 -1.55 22.02 20.97
CA SER D 294 -2.75 22.24 20.12
C SER D 294 -3.49 20.92 19.88
N LEU D 295 -2.90 19.77 20.24
CA LEU D 295 -3.48 18.43 19.99
C LEU D 295 -4.54 18.13 21.06
N GLU D 296 -5.27 17.02 20.90
CA GLU D 296 -6.48 16.69 21.69
C GLU D 296 -6.20 15.41 22.49
N LEU D 297 -6.69 15.36 23.73
CA LEU D 297 -6.26 14.38 24.78
C LEU D 297 -7.11 13.11 24.71
N GLY D 298 -6.48 11.96 24.47
CA GLY D 298 -7.15 10.66 24.30
C GLY D 298 -7.25 10.28 22.82
N ARG D 299 -6.82 11.18 21.94
CA ARG D 299 -6.78 10.96 20.47
C ARG D 299 -5.37 10.51 20.07
N ALA D 300 -5.31 9.51 19.18
CA ALA D 300 -4.08 8.93 18.59
C ALA D 300 -3.69 9.76 17.37
N TYR D 301 -2.40 10.05 17.18
CA TYR D 301 -1.85 10.86 16.07
C TYR D 301 -0.86 10.02 15.26
N ASP D 302 -0.63 10.37 14.00
CA ASP D 302 0.12 9.54 13.02
C ASP D 302 1.61 9.95 13.04
N THR D 303 2.46 9.01 13.45
CA THR D 303 3.94 9.16 13.53
C THR D 303 4.46 9.65 12.17
N ASP D 304 4.16 8.90 11.10
CA ASP D 304 4.73 9.09 9.72
C ASP D 304 4.50 10.53 9.24
N ALA D 305 3.39 11.16 9.64
CA ALA D 305 3.01 12.54 9.24
C ALA D 305 3.96 13.59 9.84
N LEU D 306 4.73 13.25 10.89
CA LEU D 306 5.76 14.14 11.49
C LEU D 306 6.95 14.28 10.52
N SER D 307 7.80 15.29 10.74
CA SER D 307 9.12 15.43 10.07
C SER D 307 10.15 14.58 10.81
N GLU D 308 11.20 14.14 10.11
CA GLU D 308 12.26 13.26 10.65
C GLU D 308 12.76 13.85 11.98
N THR D 309 12.95 15.18 12.02
CA THR D 309 13.48 15.94 13.19
C THR D 309 12.55 15.75 14.40
N ARG D 310 11.23 15.63 14.15
CA ARG D 310 10.19 15.49 15.21
C ARG D 310 10.04 14.01 15.56
N ARG D 311 10.00 13.13 14.56
CA ARG D 311 10.08 11.66 14.76
C ARG D 311 11.29 11.36 15.67
N ASN D 312 12.36 12.16 15.54
CA ASN D 312 13.64 12.00 16.29
C ASN D 312 13.56 12.63 17.69
N MET D 313 12.41 13.19 18.09
CA MET D 313 12.25 13.83 19.42
C MET D 313 11.37 12.95 20.34
N LEU D 314 10.52 12.12 19.76
CA LEU D 314 9.49 11.31 20.46
C LEU D 314 10.10 10.56 21.65
N PRO D 315 11.27 9.91 21.54
CA PRO D 315 11.94 9.33 22.70
C PRO D 315 12.05 10.27 23.92
N ALA D 316 12.56 11.49 23.73
CA ALA D 316 12.82 12.45 24.83
C ALA D 316 11.48 12.74 25.53
N LEU D 317 10.49 13.15 24.74
CA LEU D 317 9.12 13.50 25.20
C LEU D 317 8.45 12.28 25.86
N VAL D 318 8.70 11.06 25.37
CA VAL D 318 8.26 9.80 26.03
C VAL D 318 8.94 9.71 27.39
N ASP D 319 10.26 9.85 27.44
CA ASP D 319 11.05 9.87 28.71
C ASP D 319 10.37 10.86 29.66
N PHE D 320 10.05 12.06 29.19
CA PHE D 320 9.43 13.14 30.02
C PHE D 320 7.95 12.87 30.32
N GLY D 321 7.28 11.98 29.56
CA GLY D 321 5.87 11.60 29.78
C GLY D 321 4.89 12.54 29.10
N LEU D 322 5.34 13.30 28.10
CA LEU D 322 4.46 14.15 27.24
C LEU D 322 3.76 13.27 26.19
N ILE D 323 4.26 12.05 25.97
CA ILE D 323 3.83 11.16 24.85
C ILE D 323 3.81 9.70 25.32
N TYR D 324 2.75 8.96 24.97
CA TYR D 324 2.63 7.48 25.00
C TYR D 324 2.77 6.95 23.57
N ILE D 325 3.48 5.82 23.39
CA ILE D 325 3.67 5.11 22.10
C ILE D 325 3.53 3.60 22.34
N PRO D 326 2.44 2.95 21.87
CA PRO D 326 2.13 1.57 22.26
C PRO D 326 3.04 0.51 21.62
N ARG D 327 3.28 -0.58 22.38
CA ARG D 327 4.48 -1.46 22.29
C ARG D 327 4.57 -2.23 20.96
N GLU D 328 3.76 -3.28 20.81
CA GLU D 328 3.96 -4.37 19.79
C GLU D 328 3.99 -3.80 18.36
N ASP D 329 3.68 -2.51 18.16
CA ASP D 329 3.71 -1.83 16.83
C ASP D 329 4.34 -0.43 16.96
N THR D 330 3.64 0.54 17.58
CA THR D 330 4.10 1.95 17.80
C THR D 330 3.89 2.82 16.54
N ARG D 331 2.73 2.73 15.88
CA ARG D 331 2.43 3.47 14.62
C ARG D 331 1.70 4.79 14.95
N GLN D 332 1.27 4.95 16.19
CA GLN D 332 0.29 5.99 16.63
C GLN D 332 0.72 6.57 17.98
N TYR D 333 1.29 7.78 17.99
CA TYR D 333 1.72 8.48 19.24
C TYR D 333 0.49 9.16 19.83
N PHE D 334 0.33 9.05 21.16
CA PHE D 334 -0.72 9.72 21.99
C PHE D 334 -0.07 10.78 22.88
N PRO D 335 -0.33 12.09 22.71
CA PRO D 335 0.13 13.10 23.67
C PRO D 335 -0.63 12.94 25.00
N THR D 336 0.05 13.09 26.15
CA THR D 336 -0.62 13.10 27.47
C THR D 336 -1.02 14.54 27.83
N ARG D 337 -1.79 14.66 28.91
CA ARG D 337 -2.33 15.94 29.43
C ARG D 337 -1.18 16.93 29.67
N LEU D 338 0.04 16.43 29.92
CA LEU D 338 1.25 17.27 30.16
C LEU D 338 1.63 18.00 28.87
N ALA D 339 1.38 17.38 27.71
CA ALA D 339 1.81 17.84 26.37
C ALA D 339 0.89 18.94 25.86
N THR D 340 -0.41 18.79 26.11
CA THR D 340 -1.50 19.64 25.55
C THR D 340 -1.64 20.90 26.41
N THR D 341 -1.50 20.75 27.73
CA THR D 341 -1.53 21.83 28.74
C THR D 341 -0.42 22.87 28.48
N LEU D 342 0.72 22.45 27.93
CA LEU D 342 1.98 23.23 27.98
C LEU D 342 1.67 24.73 27.91
N THR D 343 1.27 25.22 26.73
CA THR D 343 1.16 26.67 26.41
C THR D 343 0.01 27.31 27.19
N SER D 344 -1.02 26.54 27.56
CA SER D 344 -2.21 27.05 28.26
C SER D 344 -1.89 27.29 29.74
#